data_1WC7
#
_entry.id   1WC7
#
_cell.length_a   63.476
_cell.length_b   81.691
_cell.length_c   79.330
_cell.angle_alpha   90.00
_cell.angle_beta   89.98
_cell.angle_gamma   90.00
#
_symmetry.space_group_name_H-M   'P 1 21 1'
#
loop_
_entity.id
_entity.type
_entity.pdbx_description
1 polymer 'FAB FRAGMENT OF CATALYTIC ANTIBODY 15A9, LIGHT CHAIN'
2 polymer 'FAB FRAGMENT OF CATALYTIC ANTIBODY 15A9, HEAVY CHAIN'
3 non-polymer 'IODIDE ION'
4 non-polymer "ALANYL-PYRIDOXAL-5'-PHOSPHATE"
5 water water
#
loop_
_entity_poly.entity_id
_entity_poly.type
_entity_poly.pdbx_seq_one_letter_code
_entity_poly.pdbx_strand_id
1 'polypeptide(L)'
;DIELTQSPAIMAASPGEKVTITCSATSGVNYMHWFQQKPGTSPKLWIYSTSNLASAVPARFSGSGSGTSYSLTISRMEAE
DAATYYCQQRSTYPFTFGGGTKLELKRADAAPTVSIFPPSSEQLTSGGASVVCFLNNFYPKDINVKWKIDGSERQNGVLN
SWTDQDSKDSTYSMSSTLTLTKDEYERHNSYTCEATHKTSTSPIVKSFNRNEC
;
A,L
2 'polypeptide(L)'
;EVKLQESGGGLVQPGHSLRLSCATSGFTFTDYYMSWVRQPPGKALEWLGLIRNKANGYTKEYSASVKGRFTISRDNSQSI
LYLQMNALRAEDSATYYCVRDKGSYGNYEAWFAYWGQGTTVTVSSAKTTPPSVYPLAPGSAAQTNSMVTLGCLVKGYFPE
PVTVTWNSGSLSSGVHTFPAVLQSDLYTLSSSVTVPSSPRPSETVTCNVAHPASSTKVDKKIVPRD
;
B,H
#
loop_
_chem_comp.id
_chem_comp.type
_chem_comp.name
_chem_comp.formula
IOD non-polymer 'IODIDE ION' 'I -1'
PP3 non-polymer ALANYL-PYRIDOXAL-5'-PHOSPHATE 'C11 H17 N2 O7 P'
#
# COMPACT_ATOMS: atom_id res chain seq x y z
N ASP A 1 1.74 7.95 -42.72
CA ASP A 1 2.19 6.82 -41.90
C ASP A 1 3.52 7.04 -41.20
N ILE A 2 3.57 7.79 -40.09
CA ILE A 2 4.87 7.85 -39.40
C ILE A 2 5.09 6.56 -38.64
N GLU A 3 5.86 5.64 -39.22
CA GLU A 3 6.03 4.33 -38.61
C GLU A 3 7.10 4.37 -37.52
N LEU A 4 6.77 3.80 -36.37
CA LEU A 4 7.67 3.91 -35.22
C LEU A 4 8.28 2.58 -34.80
N THR A 5 9.58 2.65 -34.66
CA THR A 5 10.41 1.52 -34.23
C THR A 5 10.88 1.69 -32.79
N GLN A 6 10.68 0.68 -31.96
CA GLN A 6 11.24 0.73 -30.61
C GLN A 6 12.32 -0.33 -30.48
N SER A 7 13.42 0.01 -29.82
CA SER A 7 14.47 -0.99 -29.61
C SER A 7 15.01 -0.88 -28.19
N PRO A 8 15.27 -2.02 -27.56
CA PRO A 8 15.10 -3.33 -28.20
C PRO A 8 13.68 -3.87 -28.08
N ALA A 9 13.39 -4.89 -28.87
CA ALA A 9 12.14 -5.62 -28.83
C ALA A 9 11.84 -6.19 -27.45
N ILE A 10 12.87 -6.71 -26.81
CA ILE A 10 12.74 -7.30 -25.48
C ILE A 10 13.97 -6.99 -24.62
N MET A 11 13.81 -7.10 -23.29
CA MET A 11 14.96 -6.91 -22.42
C MET A 11 14.62 -7.16 -20.96
N ALA A 12 15.52 -7.86 -20.29
CA ALA A 12 15.39 -8.16 -18.87
C ALA A 12 16.48 -7.45 -18.07
N ALA A 13 16.07 -6.47 -17.26
CA ALA A 13 17.02 -5.75 -16.43
C ALA A 13 16.98 -6.21 -14.97
N SER A 14 18.06 -5.93 -14.26
CA SER A 14 18.17 -6.12 -12.83
C SER A 14 17.75 -4.85 -12.09
N PRO A 15 17.26 -5.00 -10.87
CA PRO A 15 16.90 -3.83 -10.07
C PRO A 15 18.05 -2.84 -9.98
N GLY A 16 17.76 -1.55 -10.08
CA GLY A 16 18.75 -0.49 -10.01
C GLY A 16 19.55 -0.31 -11.29
N GLU A 17 19.39 -1.21 -12.26
CA GLU A 17 20.09 -1.14 -13.55
C GLU A 17 19.43 -0.09 -14.44
N LYS A 18 20.21 0.58 -15.29
CA LYS A 18 19.73 1.69 -16.09
C LYS A 18 19.04 1.21 -17.37
N VAL A 19 18.02 1.95 -17.80
CA VAL A 19 17.21 1.55 -18.94
C VAL A 19 16.78 2.70 -19.85
N THR A 20 17.07 2.56 -21.15
CA THR A 20 16.66 3.54 -22.14
C THR A 20 15.91 2.90 -23.31
N ILE A 21 14.85 3.52 -23.80
CA ILE A 21 14.02 3.00 -24.88
C ILE A 21 13.65 4.08 -25.89
N THR A 22 13.33 3.75 -27.15
CA THR A 22 13.05 4.70 -28.22
C THR A 22 11.88 4.35 -29.14
N CYS A 23 10.85 5.18 -29.30
CA CYS A 23 9.91 5.14 -30.44
C CYS A 23 10.63 5.92 -31.55
N SER A 24 11.34 5.26 -32.46
CA SER A 24 12.11 5.94 -33.51
C SER A 24 11.41 5.97 -34.86
N ALA A 25 11.22 7.15 -35.43
CA ALA A 25 10.29 7.40 -36.52
C ALA A 25 10.88 7.76 -37.88
N THR A 26 10.17 7.34 -38.93
CA THR A 26 10.49 7.59 -40.32
C THR A 26 10.37 9.08 -40.65
N SER A 27 9.76 9.83 -39.73
CA SER A 27 9.58 11.26 -39.92
C SER A 27 9.46 12.00 -38.60
N GLY A 28 9.87 13.25 -38.60
CA GLY A 28 9.86 14.11 -37.44
C GLY A 28 8.52 14.21 -36.75
N VAL A 29 8.53 14.08 -35.42
CA VAL A 29 7.29 14.35 -34.68
C VAL A 29 7.54 15.53 -33.75
N ASN A 30 6.49 16.12 -33.20
CA ASN A 30 6.62 17.26 -32.31
C ASN A 30 6.81 16.83 -30.86
N TYR A 31 6.18 15.70 -30.54
CA TYR A 31 6.09 15.13 -29.23
C TYR A 31 6.18 13.61 -29.24
N MET A 32 6.89 13.05 -28.27
CA MET A 32 6.80 11.62 -28.04
C MET A 32 5.91 11.36 -26.82
N HIS A 33 5.05 10.37 -26.96
CA HIS A 33 4.17 9.94 -25.89
C HIS A 33 4.47 8.47 -25.58
N TRP A 34 4.20 8.06 -24.35
CA TRP A 34 4.52 6.69 -23.96
C TRP A 34 3.50 6.09 -23.00
N PHE A 35 3.34 4.79 -23.15
CA PHE A 35 2.38 4.06 -22.34
C PHE A 35 3.12 2.91 -21.67
N GLN A 36 2.51 2.34 -20.65
CA GLN A 36 3.08 1.11 -20.06
C GLN A 36 1.96 0.08 -19.97
N GLN A 37 2.21 -1.13 -20.46
CA GLN A 37 1.18 -2.16 -20.40
C GLN A 37 1.68 -3.37 -19.62
N LYS A 38 0.86 -3.75 -18.64
CA LYS A 38 1.08 -4.86 -17.73
C LYS A 38 -0.05 -5.87 -17.92
N PRO A 39 0.35 -7.13 -18.09
CA PRO A 39 -0.53 -8.24 -18.45
C PRO A 39 -1.93 -8.18 -17.86
N GLY A 40 -2.87 -8.40 -18.77
CA GLY A 40 -4.29 -8.43 -18.55
C GLY A 40 -4.92 -7.07 -18.37
N THR A 41 -4.12 -6.02 -18.53
CA THR A 41 -4.65 -4.67 -18.33
C THR A 41 -4.58 -3.81 -19.59
N SER A 42 -5.40 -2.76 -19.59
CA SER A 42 -5.34 -1.70 -20.58
C SER A 42 -4.15 -0.80 -20.29
N PRO A 43 -3.57 -0.24 -21.35
CA PRO A 43 -2.42 0.63 -21.17
C PRO A 43 -2.76 1.78 -20.22
N LYS A 44 -1.70 2.34 -19.67
CA LYS A 44 -1.85 3.52 -18.84
C LYS A 44 -0.91 4.60 -19.38
N LEU A 45 -1.39 5.83 -19.40
CA LEU A 45 -0.53 6.94 -19.82
C LEU A 45 0.75 6.92 -19.01
N TRP A 46 1.92 7.12 -19.63
CA TRP A 46 3.15 7.12 -18.85
C TRP A 46 3.90 8.44 -18.97
N ILE A 47 4.41 8.71 -20.17
CA ILE A 47 5.01 10.03 -20.37
C ILE A 47 4.23 10.77 -21.45
N TYR A 48 3.92 12.04 -21.19
CA TYR A 48 3.19 12.80 -22.21
C TYR A 48 3.97 14.04 -22.63
N SER A 49 3.73 14.44 -23.87
CA SER A 49 4.37 15.64 -24.40
C SER A 49 5.90 15.50 -24.31
N THR A 50 6.35 14.30 -24.66
CA THR A 50 7.76 13.99 -24.76
C THR A 50 8.42 13.74 -23.42
N SER A 51 8.09 14.55 -22.42
CA SER A 51 8.82 14.48 -21.15
C SER A 51 7.94 14.63 -19.92
N ASN A 52 6.65 14.92 -20.05
CA ASN A 52 5.89 15.14 -18.82
C ASN A 52 5.35 13.84 -18.25
N LEU A 53 5.92 13.42 -17.13
CA LEU A 53 5.53 12.18 -16.47
C LEU A 53 4.02 12.14 -16.25
N ALA A 54 3.41 10.98 -16.37
CA ALA A 54 1.97 10.81 -16.19
C ALA A 54 1.62 10.52 -14.73
N SER A 55 0.33 10.43 -14.44
CA SER A 55 -0.20 10.15 -13.11
C SER A 55 0.37 8.88 -12.48
N ALA A 56 0.91 9.05 -11.27
CA ALA A 56 1.41 7.94 -10.47
C ALA A 56 2.68 7.35 -11.08
N VAL A 57 3.40 8.18 -11.82
CA VAL A 57 4.66 7.76 -12.42
C VAL A 57 5.84 8.27 -11.57
N PRO A 58 6.67 7.31 -11.19
CA PRO A 58 7.89 7.57 -10.44
C PRO A 58 8.87 8.47 -11.17
N ALA A 59 9.46 9.39 -10.42
CA ALA A 59 10.48 10.34 -10.85
C ALA A 59 11.73 9.64 -11.36
N ARG A 60 11.87 8.33 -11.15
CA ARG A 60 13.02 7.65 -11.75
C ARG A 60 12.82 7.53 -13.26
N PHE A 61 11.56 7.71 -13.64
CA PHE A 61 11.08 7.73 -15.01
C PHE A 61 11.23 9.10 -15.67
N SER A 62 11.86 9.13 -16.84
CA SER A 62 11.90 10.35 -17.65
C SER A 62 11.73 9.98 -19.14
N GLY A 63 11.28 10.96 -19.92
CA GLY A 63 11.10 10.83 -21.35
C GLY A 63 11.76 11.97 -22.10
N SER A 64 12.27 11.72 -23.30
CA SER A 64 12.96 12.74 -24.07
C SER A 64 13.13 12.36 -25.53
N GLY A 65 13.93 13.13 -26.26
CA GLY A 65 14.19 12.89 -27.66
C GLY A 65 13.87 14.09 -28.52
N SER A 66 13.88 13.89 -29.83
CA SER A 66 13.68 14.99 -30.77
C SER A 66 13.49 14.50 -32.19
N GLY A 67 12.64 15.17 -32.96
CA GLY A 67 12.37 14.86 -34.35
C GLY A 67 12.04 13.42 -34.64
N THR A 68 13.07 12.65 -35.00
CA THR A 68 12.97 11.26 -35.40
C THR A 68 13.44 10.28 -34.35
N SER A 69 14.06 10.73 -33.26
CA SER A 69 14.59 9.84 -32.23
C SER A 69 14.28 10.35 -30.83
N TYR A 70 13.54 9.54 -30.08
CA TYR A 70 13.01 9.85 -28.77
C TYR A 70 13.35 8.75 -27.77
N SER A 71 13.32 9.05 -26.48
CA SER A 71 13.71 8.06 -25.48
C SER A 71 12.83 8.03 -24.23
N LEU A 72 12.82 6.88 -23.58
CA LEU A 72 12.20 6.61 -22.29
C LEU A 72 13.23 5.99 -21.35
N THR A 73 13.61 6.69 -20.29
CA THR A 73 14.61 6.15 -19.37
C THR A 73 14.05 5.85 -17.98
N ILE A 74 14.46 4.71 -17.46
CA ILE A 74 14.36 4.19 -16.11
C ILE A 74 15.73 4.34 -15.43
N SER A 75 15.92 5.44 -14.70
CA SER A 75 17.18 5.78 -14.05
C SER A 75 17.84 4.58 -13.38
N ARG A 76 17.08 3.92 -12.53
CA ARG A 76 17.48 2.69 -11.85
C ARG A 76 16.28 1.75 -11.75
N MET A 77 16.41 0.56 -12.33
CA MET A 77 15.31 -0.38 -12.38
C MET A 77 14.63 -0.63 -11.04
N GLU A 78 13.31 -0.81 -11.08
CA GLU A 78 12.52 -1.18 -9.92
C GLU A 78 11.39 -2.14 -10.31
N ALA A 79 11.33 -3.26 -9.61
CA ALA A 79 10.45 -4.38 -9.84
C ALA A 79 9.07 -3.99 -10.34
N GLU A 80 8.53 -2.89 -9.87
CA GLU A 80 7.20 -2.42 -10.28
C GLU A 80 7.18 -1.91 -11.72
N ASP A 81 8.35 -1.51 -12.21
CA ASP A 81 8.47 -0.87 -13.50
C ASP A 81 8.30 -1.84 -14.67
N ALA A 82 8.36 -3.14 -14.40
CA ALA A 82 8.33 -4.10 -15.50
C ALA A 82 6.99 -4.10 -16.23
N ALA A 83 7.05 -4.04 -17.55
CA ALA A 83 5.85 -4.09 -18.37
C ALA A 83 6.21 -3.93 -19.84
N THR A 84 5.18 -3.85 -20.69
CA THR A 84 5.47 -3.50 -22.08
C THR A 84 5.30 -1.99 -22.24
N TYR A 85 6.28 -1.36 -22.88
CA TYR A 85 6.18 0.08 -23.12
C TYR A 85 6.00 0.37 -24.62
N TYR A 86 5.05 1.23 -24.92
CA TYR A 86 4.83 1.65 -26.29
C TYR A 86 5.07 3.15 -26.42
N CYS A 87 6.01 3.57 -27.25
CA CYS A 87 6.19 5.00 -27.48
C CYS A 87 5.04 5.52 -28.33
N GLN A 88 5.05 6.75 -28.76
CA GLN A 88 4.64 7.37 -29.99
C GLN A 88 3.95 8.72 -30.02
N GLN A 89 3.60 9.07 -31.25
CA GLN A 89 3.28 10.28 -31.93
C GLN A 89 1.80 10.54 -32.23
N ARG A 90 1.38 11.77 -31.97
CA ARG A 90 0.11 12.35 -32.36
C ARG A 90 0.36 13.65 -33.17
N SER A 91 1.53 13.71 -33.78
CA SER A 91 2.02 14.79 -34.60
C SER A 91 1.24 14.90 -35.92
N THR A 92 1.33 13.85 -36.71
CA THR A 92 0.66 13.75 -37.98
C THR A 92 -0.34 12.61 -38.01
N TYR A 93 -1.62 12.89 -38.29
CA TYR A 93 -2.51 11.77 -38.59
C TYR A 93 -1.90 10.93 -39.71
N PRO A 94 -2.06 9.62 -39.64
CA PRO A 94 -2.80 9.02 -38.53
C PRO A 94 -1.89 8.79 -37.33
N PHE A 95 -2.45 8.86 -36.12
CA PHE A 95 -1.63 8.56 -34.95
C PHE A 95 -1.09 7.15 -35.07
N THR A 96 0.17 6.91 -34.74
CA THR A 96 0.71 5.56 -34.88
C THR A 96 1.32 5.07 -33.57
N PHE A 97 1.32 3.77 -33.30
CA PHE A 97 1.91 3.24 -32.07
C PHE A 97 3.21 2.46 -32.33
N GLY A 98 4.19 2.70 -31.47
CA GLY A 98 5.47 2.06 -31.47
C GLY A 98 5.39 0.54 -31.43
N GLY A 99 6.47 -0.11 -31.85
CA GLY A 99 6.55 -1.55 -31.94
C GLY A 99 6.59 -2.25 -30.59
N GLY A 100 6.81 -1.51 -29.53
CA GLY A 100 6.82 -2.01 -28.18
C GLY A 100 8.15 -2.56 -27.72
N THR A 101 8.38 -2.46 -26.41
CA THR A 101 9.48 -3.17 -25.76
C THR A 101 8.93 -3.91 -24.54
N LYS A 102 9.28 -5.19 -24.39
CA LYS A 102 8.73 -5.98 -23.30
C LYS A 102 9.76 -6.18 -22.18
N LEU A 103 9.70 -5.27 -21.24
CA LEU A 103 10.62 -5.13 -20.12
C LEU A 103 10.24 -6.06 -18.98
N GLU A 104 11.12 -7.03 -18.73
CA GLU A 104 10.93 -7.96 -17.63
C GLU A 104 11.97 -7.70 -16.54
N LEU A 105 11.64 -8.03 -15.29
CA LEU A 105 12.58 -7.73 -14.21
C LEU A 105 13.43 -8.93 -13.82
N LYS A 106 14.67 -8.65 -13.48
CA LYS A 106 15.66 -9.64 -13.06
C LYS A 106 15.60 -9.88 -11.56
N ARG A 107 15.35 -11.11 -11.15
CA ARG A 107 15.25 -11.42 -9.73
C ARG A 107 16.03 -12.67 -9.35
N ALA A 108 15.77 -13.21 -8.16
CA ALA A 108 16.46 -14.40 -7.70
C ALA A 108 15.87 -15.64 -8.38
N ASP A 109 16.74 -16.48 -8.93
CA ASP A 109 16.33 -17.72 -9.57
C ASP A 109 15.41 -18.49 -8.63
N ALA A 110 14.47 -19.24 -9.20
CA ALA A 110 13.58 -20.04 -8.37
C ALA A 110 13.20 -21.32 -9.10
N ALA A 111 13.40 -22.46 -8.42
CA ALA A 111 13.04 -23.73 -9.03
C ALA A 111 11.54 -23.78 -9.28
N PRO A 112 11.15 -24.19 -10.49
CA PRO A 112 9.73 -24.30 -10.83
C PRO A 112 9.07 -25.35 -9.93
N THR A 113 7.81 -25.11 -9.59
CA THR A 113 7.04 -26.05 -8.79
C THR A 113 6.17 -26.91 -9.68
N VAL A 114 6.63 -28.12 -9.93
CA VAL A 114 5.99 -29.06 -10.84
C VAL A 114 4.88 -29.85 -10.17
N SER A 115 3.77 -30.00 -10.89
CA SER A 115 2.60 -30.76 -10.45
C SER A 115 2.07 -31.63 -11.58
N ILE A 116 1.58 -32.83 -11.28
CA ILE A 116 0.97 -33.65 -12.33
C ILE A 116 -0.35 -34.25 -11.85
N PHE A 117 -1.34 -34.24 -12.73
CA PHE A 117 -2.67 -34.74 -12.37
C PHE A 117 -3.19 -35.71 -13.43
N PRO A 118 -3.67 -36.85 -12.95
CA PRO A 118 -4.22 -37.87 -13.86
C PRO A 118 -5.60 -37.47 -14.36
N PRO A 119 -6.00 -38.10 -15.46
CA PRO A 119 -7.35 -37.92 -16.01
C PRO A 119 -8.41 -38.11 -14.94
N SER A 120 -9.21 -37.07 -14.71
CA SER A 120 -10.30 -37.14 -13.75
C SER A 120 -11.32 -38.19 -14.18
N SER A 121 -12.32 -38.40 -13.32
CA SER A 121 -13.34 -39.38 -13.69
C SER A 121 -14.17 -38.86 -14.86
N GLU A 122 -14.84 -37.74 -14.66
CA GLU A 122 -15.76 -37.13 -15.60
C GLU A 122 -15.26 -37.16 -17.04
N GLN A 123 -14.09 -36.57 -17.30
CA GLN A 123 -13.56 -36.58 -18.66
C GLN A 123 -13.46 -38.02 -19.18
N LEU A 124 -12.73 -38.82 -18.44
CA LEU A 124 -12.57 -40.25 -18.71
C LEU A 124 -13.93 -40.92 -18.86
N THR A 125 -14.91 -40.46 -18.10
CA THR A 125 -16.28 -40.95 -18.20
C THR A 125 -17.00 -40.31 -19.37
N SER A 126 -16.45 -39.20 -19.84
CA SER A 126 -16.98 -38.46 -20.98
C SER A 126 -16.49 -39.09 -22.28
N GLY A 127 -15.54 -40.01 -22.13
CA GLY A 127 -14.94 -40.71 -23.25
C GLY A 127 -13.56 -40.16 -23.56
N GLY A 128 -13.11 -39.19 -22.77
CA GLY A 128 -11.80 -38.62 -22.96
C GLY A 128 -10.78 -39.04 -21.91
N ALA A 129 -9.58 -38.48 -22.02
CA ALA A 129 -8.49 -38.72 -21.07
C ALA A 129 -7.25 -37.92 -21.44
N SER A 130 -6.86 -36.98 -20.57
CA SER A 130 -5.67 -36.19 -20.78
C SER A 130 -5.05 -35.76 -19.45
N VAL A 131 -3.72 -35.72 -19.38
CA VAL A 131 -2.99 -35.49 -18.15
C VAL A 131 -2.33 -34.12 -18.09
N VAL A 132 -2.76 -33.31 -17.14
CA VAL A 132 -2.25 -31.94 -17.01
C VAL A 132 -0.98 -31.90 -16.18
N CYS A 133 -0.29 -30.76 -16.16
CA CYS A 133 0.95 -30.63 -15.41
C CYS A 133 1.45 -29.18 -15.42
N PHE A 134 1.18 -28.48 -14.33
CA PHE A 134 1.72 -27.14 -14.15
C PHE A 134 3.19 -27.21 -13.73
N LEU A 135 3.95 -26.21 -14.12
CA LEU A 135 5.32 -25.92 -13.77
C LEU A 135 5.41 -24.51 -13.19
N ASN A 136 4.75 -24.34 -12.05
CA ASN A 136 4.55 -23.10 -11.36
C ASN A 136 5.83 -22.41 -10.88
N ASN A 137 5.70 -21.11 -10.79
CA ASN A 137 6.48 -20.04 -10.23
C ASN A 137 7.98 -20.26 -10.31
N PHE A 138 8.56 -20.06 -11.48
CA PHE A 138 10.00 -20.18 -11.68
C PHE A 138 10.56 -18.95 -12.40
N TYR A 139 11.89 -18.90 -12.42
CA TYR A 139 12.66 -17.85 -13.07
C TYR A 139 14.06 -18.37 -13.39
N PRO A 140 14.54 -18.12 -14.59
CA PRO A 140 13.82 -17.32 -15.59
C PRO A 140 12.85 -18.17 -16.42
N LYS A 141 12.30 -17.58 -17.47
CA LYS A 141 11.31 -18.24 -18.30
C LYS A 141 11.87 -19.51 -18.96
N ASP A 142 12.96 -19.37 -19.70
CA ASP A 142 13.58 -20.43 -20.49
C ASP A 142 13.61 -21.76 -19.76
N ILE A 143 12.64 -22.60 -20.11
CA ILE A 143 12.47 -23.92 -19.52
C ILE A 143 11.80 -24.88 -20.50
N ASN A 144 12.38 -26.06 -20.67
CA ASN A 144 11.82 -27.08 -21.56
C ASN A 144 11.16 -28.20 -20.75
N VAL A 145 10.05 -28.70 -21.27
CA VAL A 145 9.33 -29.82 -20.68
C VAL A 145 9.43 -31.03 -21.61
N LYS A 146 9.20 -32.22 -21.08
CA LYS A 146 9.26 -33.44 -21.86
C LYS A 146 8.52 -34.56 -21.15
N TRP A 147 7.34 -34.92 -21.66
CA TRP A 147 6.59 -36.00 -21.01
C TRP A 147 7.36 -37.31 -21.11
N LYS A 148 6.80 -38.36 -20.53
CA LYS A 148 7.37 -39.70 -20.61
C LYS A 148 6.28 -40.71 -20.27
N ILE A 149 6.21 -41.80 -21.01
CA ILE A 149 5.20 -42.82 -20.71
C ILE A 149 5.81 -44.20 -20.87
N ASP A 150 5.96 -44.91 -19.75
CA ASP A 150 6.53 -46.24 -19.84
C ASP A 150 7.96 -46.19 -20.36
N GLY A 151 8.60 -45.04 -20.20
CA GLY A 151 9.99 -44.86 -20.60
C GLY A 151 10.19 -43.93 -21.76
N SER A 152 9.27 -43.94 -22.73
CA SER A 152 9.40 -43.05 -23.88
C SER A 152 8.76 -41.70 -23.59
N GLU A 153 9.46 -40.63 -23.93
CA GLU A 153 8.95 -39.28 -23.65
C GLU A 153 7.63 -39.02 -24.36
N ARG A 154 7.43 -37.82 -24.90
CA ARG A 154 6.19 -37.59 -25.64
C ARG A 154 6.25 -36.32 -26.48
N GLN A 155 6.31 -36.53 -27.79
CA GLN A 155 6.31 -35.43 -28.74
C GLN A 155 4.88 -35.04 -29.11
N ASN A 156 4.17 -35.95 -29.76
CA ASN A 156 2.82 -35.66 -30.25
C ASN A 156 1.92 -35.12 -29.14
N GLY A 157 0.75 -34.67 -29.55
CA GLY A 157 -0.34 -34.18 -28.75
C GLY A 157 0.04 -33.47 -27.48
N VAL A 158 1.15 -32.73 -27.51
CA VAL A 158 1.63 -32.01 -26.34
C VAL A 158 1.58 -30.51 -26.55
N LEU A 159 0.59 -29.83 -25.97
CA LEU A 159 0.46 -28.40 -26.15
C LEU A 159 0.83 -27.63 -24.89
N ASN A 160 1.89 -26.83 -24.97
CA ASN A 160 2.35 -26.09 -23.81
C ASN A 160 1.81 -24.67 -23.79
N SER A 161 1.92 -24.02 -22.63
CA SER A 161 1.39 -22.66 -22.51
C SER A 161 1.99 -21.91 -21.33
N TRP A 162 2.94 -21.05 -21.62
CA TRP A 162 3.57 -20.14 -20.69
C TRP A 162 2.68 -18.95 -20.32
N THR A 163 3.13 -18.18 -19.36
CA THR A 163 2.58 -16.89 -18.97
C THR A 163 3.70 -15.87 -18.98
N ASP A 164 3.38 -14.58 -18.74
CA ASP A 164 4.52 -13.67 -18.56
C ASP A 164 4.66 -13.33 -17.06
N GLN A 165 5.78 -12.73 -16.72
CA GLN A 165 6.22 -12.47 -15.36
C GLN A 165 5.07 -12.10 -14.44
N ASP A 166 4.82 -12.91 -13.41
CA ASP A 166 3.67 -12.53 -12.56
C ASP A 166 3.95 -11.22 -11.86
N SER A 167 2.90 -10.45 -11.60
CA SER A 167 3.08 -9.14 -10.98
C SER A 167 3.46 -9.27 -9.52
N LYS A 168 2.88 -10.27 -8.87
CA LYS A 168 2.99 -10.53 -7.46
C LYS A 168 4.27 -11.28 -7.07
N ASP A 169 4.89 -12.02 -7.98
CA ASP A 169 6.10 -12.73 -7.58
C ASP A 169 7.22 -12.60 -8.60
N SER A 170 6.93 -11.96 -9.73
CA SER A 170 7.89 -11.78 -10.80
C SER A 170 8.37 -13.08 -11.40
N THR A 171 7.56 -14.14 -11.39
CA THR A 171 8.06 -15.39 -11.96
C THR A 171 7.23 -15.87 -13.14
N TYR A 172 7.66 -17.01 -13.66
CA TYR A 172 7.04 -17.62 -14.82
C TYR A 172 6.44 -18.99 -14.50
N SER A 173 5.44 -19.38 -15.30
CA SER A 173 4.88 -20.72 -15.21
C SER A 173 4.54 -21.24 -16.59
N MET A 174 4.49 -22.56 -16.71
CA MET A 174 4.21 -23.23 -17.97
C MET A 174 3.14 -24.29 -17.75
N SER A 175 2.41 -24.67 -18.80
CA SER A 175 1.37 -25.68 -18.61
C SER A 175 1.29 -26.67 -19.77
N SER A 176 2.14 -27.70 -19.74
CA SER A 176 2.04 -28.73 -20.76
C SER A 176 0.86 -29.66 -20.51
N THR A 177 0.16 -29.95 -21.59
CA THR A 177 -0.98 -30.86 -21.59
C THR A 177 -0.75 -31.99 -22.57
N LEU A 178 -0.80 -33.22 -22.07
CA LEU A 178 -0.67 -34.43 -22.86
C LEU A 178 -2.05 -35.05 -23.05
N THR A 179 -2.60 -34.98 -24.26
CA THR A 179 -3.93 -35.55 -24.48
C THR A 179 -3.81 -36.87 -25.24
N LEU A 180 -4.76 -37.76 -25.00
CA LEU A 180 -4.73 -39.09 -25.62
C LEU A 180 -6.12 -39.71 -25.65
N THR A 181 -6.31 -40.73 -26.48
CA THR A 181 -7.63 -41.36 -26.51
C THR A 181 -7.97 -41.98 -25.16
N LYS A 182 -9.26 -42.00 -24.85
CA LYS A 182 -9.73 -42.66 -23.63
C LYS A 182 -9.15 -44.08 -23.59
N ASP A 183 -9.38 -44.79 -24.68
CA ASP A 183 -8.89 -46.14 -24.88
C ASP A 183 -7.37 -46.20 -24.82
N GLU A 184 -6.67 -45.20 -25.35
CA GLU A 184 -5.22 -45.30 -25.43
C GLU A 184 -4.55 -45.35 -24.06
N TYR A 185 -4.78 -44.34 -23.26
CA TYR A 185 -4.15 -44.12 -21.97
C TYR A 185 -4.01 -45.41 -21.16
N GLU A 186 -5.00 -46.28 -21.25
CA GLU A 186 -5.03 -47.58 -20.59
C GLU A 186 -3.97 -48.54 -21.13
N ARG A 187 -3.23 -48.13 -22.16
CA ARG A 187 -2.18 -48.97 -22.72
C ARG A 187 -0.84 -48.63 -22.07
N HIS A 188 -0.87 -47.71 -21.12
CA HIS A 188 0.32 -47.27 -20.40
C HIS A 188 -0.04 -47.12 -18.93
N ASN A 189 0.94 -46.90 -18.07
CA ASN A 189 0.62 -46.81 -16.64
C ASN A 189 1.31 -45.65 -15.94
N SER A 190 2.53 -45.32 -16.33
CA SER A 190 3.27 -44.25 -15.67
C SER A 190 3.62 -43.09 -16.59
N TYR A 191 2.87 -42.00 -16.47
CA TYR A 191 3.10 -40.77 -17.20
C TYR A 191 3.89 -39.77 -16.34
N THR A 192 5.04 -39.35 -16.83
CA THR A 192 5.92 -38.48 -16.07
C THR A 192 6.28 -37.19 -16.78
N CYS A 193 6.06 -36.09 -16.09
CA CYS A 193 6.34 -34.72 -16.51
C CYS A 193 7.74 -34.30 -16.06
N GLU A 194 8.59 -33.93 -17.01
CA GLU A 194 10.01 -33.65 -16.81
C GLU A 194 10.36 -32.19 -17.03
N ALA A 195 11.07 -31.57 -16.09
CA ALA A 195 11.31 -30.13 -16.19
C ALA A 195 12.79 -29.77 -16.27
N THR A 196 13.12 -28.88 -17.18
CA THR A 196 14.49 -28.49 -17.46
C THR A 196 14.73 -27.01 -17.20
N HIS A 197 15.51 -26.73 -16.16
CA HIS A 197 15.75 -25.38 -15.68
C HIS A 197 17.20 -25.15 -15.29
N LYS A 198 17.59 -23.90 -15.06
CA LYS A 198 18.96 -23.62 -14.64
C LYS A 198 19.12 -23.77 -13.13
N THR A 199 18.00 -23.93 -12.43
CA THR A 199 17.90 -24.17 -11.02
C THR A 199 18.18 -25.63 -10.64
N SER A 200 18.19 -26.51 -11.64
CA SER A 200 18.40 -27.94 -11.45
C SER A 200 19.27 -28.54 -12.54
N THR A 201 20.38 -29.16 -12.16
CA THR A 201 21.24 -29.87 -13.08
C THR A 201 20.50 -31.06 -13.72
N SER A 202 19.54 -31.58 -12.97
CA SER A 202 18.71 -32.70 -13.36
C SER A 202 17.28 -32.25 -13.68
N PRO A 203 16.60 -33.02 -14.53
CA PRO A 203 15.25 -32.66 -14.96
C PRO A 203 14.18 -33.04 -13.94
N ILE A 204 13.88 -32.10 -13.04
CA ILE A 204 12.84 -32.31 -12.03
C ILE A 204 11.58 -32.83 -12.67
N VAL A 205 11.02 -33.91 -12.12
CA VAL A 205 9.80 -34.47 -12.69
C VAL A 205 8.75 -34.76 -11.62
N LYS A 206 7.60 -35.19 -12.10
CA LYS A 206 6.47 -35.65 -11.32
C LYS A 206 5.78 -36.77 -12.10
N SER A 207 4.91 -37.54 -11.44
CA SER A 207 4.32 -38.69 -12.13
C SER A 207 3.39 -39.47 -11.20
N PHE A 208 2.44 -40.17 -11.82
CA PHE A 208 1.53 -41.01 -11.05
C PHE A 208 1.50 -42.44 -11.60
N ASN A 209 0.61 -43.25 -11.03
CA ASN A 209 0.51 -44.63 -11.47
C ASN A 209 -0.94 -44.97 -11.81
N ARG A 210 -1.23 -45.17 -13.08
CA ARG A 210 -2.62 -45.42 -13.48
C ARG A 210 -3.14 -46.64 -12.72
N ASN A 211 -4.39 -46.58 -12.27
CA ASN A 211 -4.94 -47.67 -11.47
C ASN A 211 -6.45 -47.78 -11.64
N GLU A 212 -6.98 -48.97 -11.37
CA GLU A 212 -8.41 -49.19 -11.46
C GLU A 212 -8.92 -49.98 -10.26
N CYS A 213 -9.91 -49.55 -9.63
N GLU B 1 -16.16 8.87 -11.20
CA GLU B 1 -15.20 7.97 -11.80
C GLU B 1 -15.41 7.83 -13.31
N VAL B 2 -14.51 8.43 -14.08
CA VAL B 2 -14.58 8.33 -15.54
C VAL B 2 -14.55 6.87 -15.98
N LYS B 3 -15.68 6.39 -16.49
CA LYS B 3 -15.82 4.99 -16.86
C LYS B 3 -16.16 4.80 -18.34
N LEU B 4 -15.44 3.90 -18.98
CA LEU B 4 -15.62 3.53 -20.38
C LEU B 4 -15.82 2.02 -20.49
N GLN B 5 -16.84 1.61 -21.24
CA GLN B 5 -17.22 0.21 -21.26
C GLN B 5 -17.54 -0.32 -22.65
N GLU B 6 -16.66 -1.16 -23.20
CA GLU B 6 -16.93 -1.66 -24.55
C GLU B 6 -17.65 -2.99 -24.57
N SER B 7 -18.75 -3.01 -25.30
CA SER B 7 -19.47 -4.22 -25.67
C SER B 7 -19.43 -4.40 -27.19
N GLY B 8 -20.05 -5.48 -27.67
CA GLY B 8 -20.07 -5.77 -29.10
C GLY B 8 -19.17 -6.93 -29.46
N GLY B 9 -18.00 -7.02 -28.80
CA GLY B 9 -17.06 -8.09 -29.06
C GLY B 9 -17.71 -9.46 -29.05
N GLY B 10 -17.25 -10.35 -29.91
CA GLY B 10 -17.77 -11.69 -30.09
C GLY B 10 -17.10 -12.31 -31.32
N LEU B 11 -17.60 -13.42 -31.84
CA LEU B 11 -17.00 -13.98 -33.05
C LEU B 11 -17.73 -13.48 -34.29
N VAL B 12 -17.00 -13.33 -35.40
CA VAL B 12 -17.60 -12.78 -36.61
C VAL B 12 -17.13 -13.49 -37.85
N GLN B 13 -18.09 -13.87 -38.71
CA GLN B 13 -17.76 -14.51 -39.98
C GLN B 13 -16.97 -13.56 -40.87
N PRO B 14 -15.98 -14.11 -41.56
CA PRO B 14 -15.08 -13.31 -42.39
C PRO B 14 -15.80 -12.53 -43.48
N GLY B 15 -15.41 -11.27 -43.66
CA GLY B 15 -16.00 -10.39 -44.65
C GLY B 15 -17.30 -9.80 -44.15
N HIS B 16 -17.72 -10.21 -42.96
CA HIS B 16 -18.99 -9.74 -42.40
C HIS B 16 -18.84 -8.41 -41.67
N SER B 17 -19.93 -8.01 -41.01
CA SER B 17 -20.01 -6.73 -40.34
C SER B 17 -20.13 -6.90 -38.82
N LEU B 18 -19.38 -6.10 -38.10
CA LEU B 18 -19.31 -6.06 -36.65
C LEU B 18 -19.36 -4.63 -36.13
N ARG B 19 -20.31 -4.39 -35.23
CA ARG B 19 -20.44 -3.10 -34.58
C ARG B 19 -20.00 -3.15 -33.12
N LEU B 20 -18.95 -2.42 -32.82
CA LEU B 20 -18.32 -2.30 -31.52
C LEU B 20 -18.95 -1.16 -30.71
N SER B 21 -19.32 -1.39 -29.47
CA SER B 21 -19.89 -0.31 -28.65
C SER B 21 -18.96 0.08 -27.52
N CYS B 22 -19.38 1.07 -26.73
CA CYS B 22 -18.53 1.61 -25.68
C CYS B 22 -19.28 2.68 -24.89
N ALA B 23 -19.78 2.32 -23.71
CA ALA B 23 -20.48 3.26 -22.84
C ALA B 23 -19.47 4.11 -22.06
N THR B 24 -19.93 5.29 -21.70
CA THR B 24 -19.14 6.33 -21.06
C THR B 24 -19.88 6.89 -19.85
N SER B 25 -19.10 7.45 -18.92
CA SER B 25 -19.61 8.06 -17.71
C SER B 25 -18.54 8.82 -16.95
N GLY B 26 -18.92 9.90 -16.27
CA GLY B 26 -18.02 10.65 -15.41
C GLY B 26 -17.38 11.83 -16.11
N PHE B 27 -17.81 12.07 -17.34
CA PHE B 27 -17.29 13.22 -18.09
C PHE B 27 -18.32 13.66 -19.13
N THR B 28 -18.07 14.83 -19.70
CA THR B 28 -19.02 15.39 -20.66
C THR B 28 -18.61 15.04 -22.09
N PHE B 29 -19.13 13.90 -22.52
CA PHE B 29 -18.92 13.26 -23.80
C PHE B 29 -18.64 14.26 -24.92
N THR B 30 -19.67 14.99 -25.30
CA THR B 30 -19.66 15.92 -26.42
C THR B 30 -18.44 16.84 -26.44
N ASP B 31 -17.86 17.12 -25.28
CA ASP B 31 -16.68 17.94 -25.13
C ASP B 31 -15.40 17.18 -25.44
N TYR B 32 -15.46 15.84 -25.53
CA TYR B 32 -14.19 15.13 -25.63
C TYR B 32 -14.03 14.30 -26.88
N TYR B 33 -12.84 14.34 -27.49
CA TYR B 33 -12.61 13.42 -28.61
C TYR B 33 -12.52 11.99 -28.07
N MET B 34 -12.66 11.02 -28.95
CA MET B 34 -12.60 9.61 -28.59
C MET B 34 -11.90 8.77 -29.64
N SER B 35 -10.66 8.38 -29.44
CA SER B 35 -10.08 7.45 -30.41
C SER B 35 -10.70 6.06 -30.23
N TRP B 36 -10.15 5.13 -30.98
CA TRP B 36 -10.38 3.70 -31.01
C TRP B 36 -9.02 3.05 -31.25
N VAL B 37 -8.67 2.08 -30.41
CA VAL B 37 -7.39 1.40 -30.59
C VAL B 37 -7.63 -0.08 -30.51
N ARG B 38 -6.73 -0.84 -31.11
CA ARG B 38 -6.92 -2.28 -30.99
C ARG B 38 -5.58 -2.95 -30.73
N GLN B 39 -5.67 -4.14 -30.14
CA GLN B 39 -4.46 -4.92 -29.91
C GLN B 39 -4.79 -6.36 -30.28
N PRO B 40 -3.95 -6.91 -31.14
CA PRO B 40 -4.05 -8.32 -31.49
C PRO B 40 -3.20 -9.13 -30.51
N PRO B 41 -3.79 -10.21 -30.06
CA PRO B 41 -3.18 -11.26 -29.24
C PRO B 41 -1.67 -11.34 -29.39
N GLY B 42 -0.97 -11.00 -28.31
CA GLY B 42 0.48 -11.07 -28.27
C GLY B 42 1.16 -10.03 -29.12
N LYS B 43 0.51 -8.90 -29.40
CA LYS B 43 1.18 -7.93 -30.28
C LYS B 43 1.05 -6.49 -29.74
N ALA B 44 1.43 -5.57 -30.60
CA ALA B 44 1.50 -4.15 -30.54
C ALA B 44 0.15 -3.48 -30.72
N LEU B 45 0.01 -2.27 -30.18
CA LEU B 45 -1.18 -1.45 -30.28
C LEU B 45 -1.29 -0.80 -31.67
N GLU B 46 -2.52 -0.69 -32.17
CA GLU B 46 -2.84 -0.14 -33.47
C GLU B 46 -3.95 0.91 -33.42
N TRP B 47 -3.59 2.18 -33.65
CA TRP B 47 -4.58 3.26 -33.71
C TRP B 47 -5.48 3.13 -34.93
N LEU B 48 -6.77 3.08 -34.70
CA LEU B 48 -7.79 2.96 -35.73
C LEU B 48 -8.40 4.31 -36.08
N GLY B 49 -8.46 5.23 -35.13
CA GLY B 49 -8.96 6.56 -35.40
C GLY B 49 -9.81 7.17 -34.33
N LEU B 50 -10.01 8.50 -34.36
CA LEU B 50 -10.91 9.11 -33.39
C LEU B 50 -12.10 9.75 -34.12
N ILE B 51 -12.84 10.53 -33.34
CA ILE B 51 -13.96 11.37 -33.71
C ILE B 51 -13.96 12.60 -32.81
N ARG B 52 -13.87 13.79 -33.39
CA ARG B 52 -13.76 15.00 -32.59
C ARG B 52 -15.01 15.28 -31.77
N ASN B 53 -15.02 16.42 -31.09
CA ASN B 53 -16.10 16.81 -30.21
C ASN B 53 -17.12 17.69 -30.92
N LYS B 54 -18.10 18.17 -30.16
CA LYS B 54 -19.13 19.07 -30.70
C LYS B 54 -18.50 20.29 -31.36
N ALA B 55 -17.57 20.95 -30.67
CA ALA B 55 -16.99 22.17 -31.24
C ALA B 55 -16.07 21.87 -32.41
N ASN B 56 -15.86 20.60 -32.75
CA ASN B 56 -15.04 20.28 -33.91
C ASN B 56 -15.77 19.37 -34.90
N GLY B 57 -17.08 19.55 -34.95
CA GLY B 57 -18.03 18.98 -35.84
C GLY B 57 -18.20 17.47 -35.77
N TYR B 58 -17.61 16.82 -34.76
CA TYR B 58 -17.68 15.37 -34.69
C TYR B 58 -17.13 14.79 -35.99
N THR B 59 -15.99 15.32 -36.43
CA THR B 59 -15.36 14.85 -37.65
C THR B 59 -14.51 13.61 -37.36
N LYS B 60 -14.63 12.62 -38.23
CA LYS B 60 -13.98 11.33 -38.05
C LYS B 60 -12.65 11.21 -38.80
N GLU B 61 -11.64 10.75 -38.08
CA GLU B 61 -10.35 10.39 -38.63
C GLU B 61 -10.17 8.88 -38.49
N TYR B 62 -9.38 8.28 -39.37
CA TYR B 62 -9.21 6.84 -39.40
C TYR B 62 -7.74 6.47 -39.63
N SER B 63 -7.47 5.18 -39.74
CA SER B 63 -6.16 4.68 -40.09
C SER B 63 -6.21 4.09 -41.51
N ALA B 64 -5.29 4.48 -42.36
CA ALA B 64 -5.24 4.04 -43.75
C ALA B 64 -5.43 2.52 -43.87
N SER B 65 -4.87 1.80 -42.91
CA SER B 65 -4.98 0.36 -42.81
C SER B 65 -6.42 -0.13 -42.80
N VAL B 66 -7.30 0.76 -42.33
CA VAL B 66 -8.70 0.49 -42.09
C VAL B 66 -9.59 1.52 -42.77
N LYS B 67 -9.03 2.37 -43.63
CA LYS B 67 -9.82 3.39 -44.29
C LYS B 67 -10.72 2.80 -45.39
N GLY B 68 -11.96 3.26 -45.40
CA GLY B 68 -12.99 2.79 -46.30
C GLY B 68 -13.79 1.63 -45.73
N ARG B 69 -13.21 0.90 -44.77
CA ARG B 69 -13.90 -0.26 -44.20
C ARG B 69 -14.55 0.04 -42.86
N PHE B 70 -13.97 0.94 -42.07
CA PHE B 70 -14.46 1.19 -40.72
C PHE B 70 -14.99 2.60 -40.52
N THR B 71 -16.21 2.75 -40.00
CA THR B 71 -16.71 4.09 -39.69
C THR B 71 -16.93 4.27 -38.19
N ILE B 72 -16.37 5.34 -37.63
CA ILE B 72 -16.57 5.66 -36.23
C ILE B 72 -17.69 6.68 -36.06
N SER B 73 -18.54 6.51 -35.05
CA SER B 73 -19.62 7.44 -34.78
C SER B 73 -19.91 7.49 -33.28
N ARG B 74 -20.98 8.14 -32.88
CA ARG B 74 -21.38 8.19 -31.48
C ARG B 74 -22.80 8.71 -31.34
N ASP B 75 -23.57 8.06 -30.47
CA ASP B 75 -24.89 8.54 -30.06
C ASP B 75 -24.68 9.56 -28.93
N ASN B 76 -24.87 10.84 -29.26
CA ASN B 76 -24.66 11.91 -28.29
C ASN B 76 -25.82 11.99 -27.30
N SER B 77 -26.86 11.19 -27.52
CA SER B 77 -28.00 11.22 -26.60
C SER B 77 -27.60 10.58 -25.26
N GLN B 78 -27.02 9.39 -25.34
CA GLN B 78 -26.58 8.67 -24.15
C GLN B 78 -25.09 8.34 -24.20
N SER B 79 -24.30 9.36 -24.49
CA SER B 79 -22.86 9.38 -24.46
C SER B 79 -22.19 8.05 -24.81
N ILE B 80 -22.53 7.45 -25.93
CA ILE B 80 -21.81 6.24 -26.35
C ILE B 80 -21.00 6.47 -27.62
N LEU B 81 -19.98 5.66 -27.79
CA LEU B 81 -19.07 5.65 -28.94
C LEU B 81 -19.25 4.37 -29.73
N TYR B 82 -19.13 4.39 -31.06
CA TYR B 82 -19.30 3.15 -31.82
C TYR B 82 -18.09 2.88 -32.70
N LEU B 83 -18.01 1.70 -33.29
CA LEU B 83 -17.07 1.38 -34.35
C LEU B 83 -17.71 0.35 -35.30
N GLN B 84 -17.97 0.80 -36.52
CA GLN B 84 -18.54 -0.02 -37.58
C GLN B 84 -17.42 -0.74 -38.32
N MET B 85 -17.55 -2.06 -38.40
CA MET B 85 -16.50 -2.88 -38.99
C MET B 85 -17.06 -3.68 -40.16
N ASN B 86 -16.46 -3.50 -41.33
CA ASN B 86 -16.93 -4.14 -42.55
C ASN B 86 -15.82 -4.96 -43.20
N ALA B 87 -16.23 -5.98 -43.95
CA ALA B 87 -15.29 -6.81 -44.69
C ALA B 87 -14.14 -7.27 -43.81
N LEU B 88 -14.50 -7.58 -42.58
CA LEU B 88 -13.66 -8.13 -41.53
C LEU B 88 -12.85 -9.33 -41.98
N ARG B 89 -11.57 -9.32 -41.63
CA ARG B 89 -10.61 -10.37 -41.83
C ARG B 89 -10.09 -10.90 -40.49
N ALA B 90 -9.59 -12.12 -40.51
CA ALA B 90 -8.97 -12.76 -39.36
C ALA B 90 -8.01 -11.81 -38.66
N GLU B 91 -7.28 -11.05 -39.47
CA GLU B 91 -6.32 -10.06 -39.01
C GLU B 91 -6.98 -8.86 -38.36
N ASP B 92 -8.30 -8.86 -38.22
CA ASP B 92 -8.97 -7.84 -37.41
C ASP B 92 -9.35 -8.45 -36.07
N SER B 93 -9.14 -9.76 -35.97
CA SER B 93 -9.36 -10.44 -34.68
C SER B 93 -8.45 -9.80 -33.63
N ALA B 94 -9.07 -9.25 -32.59
CA ALA B 94 -8.27 -8.56 -31.59
C ALA B 94 -9.12 -8.16 -30.39
N THR B 95 -8.55 -7.26 -29.59
CA THR B 95 -9.37 -6.69 -28.52
C THR B 95 -9.27 -5.17 -28.70
N TYR B 96 -10.42 -4.54 -28.67
CA TYR B 96 -10.62 -3.15 -29.06
C TYR B 96 -10.92 -2.25 -27.89
N TYR B 97 -10.20 -1.15 -27.83
CA TYR B 97 -10.21 -0.20 -26.75
C TYR B 97 -10.80 1.15 -27.13
N CYS B 98 -11.78 1.63 -26.38
CA CYS B 98 -12.15 3.03 -26.62
C CYS B 98 -11.34 3.86 -25.62
N VAL B 99 -10.76 4.95 -26.12
CA VAL B 99 -9.98 5.84 -25.26
C VAL B 99 -10.45 7.28 -25.44
N ARG B 100 -10.57 7.93 -24.29
CA ARG B 100 -10.89 9.35 -24.21
C ARG B 100 -9.71 10.15 -24.73
N ASP B 101 -9.94 10.83 -25.85
CA ASP B 101 -8.90 11.58 -26.55
C ASP B 101 -8.83 12.98 -25.95
N LYS B 102 -8.33 13.94 -26.70
CA LYS B 102 -8.25 15.34 -26.30
C LYS B 102 -9.61 15.92 -26.01
N GLY B 103 -9.66 17.08 -25.34
CA GLY B 103 -10.98 17.62 -25.01
C GLY B 103 -11.04 19.11 -25.24
N SER B 104 -12.19 19.74 -24.93
CA SER B 104 -12.41 21.15 -25.20
C SER B 104 -11.59 22.06 -24.29
N TYR B 105 -10.76 21.48 -23.44
CA TYR B 105 -9.92 22.19 -22.50
C TYR B 105 -8.46 21.81 -22.66
N GLY B 106 -7.68 22.11 -21.64
CA GLY B 106 -6.24 21.92 -21.71
C GLY B 106 -5.71 20.86 -20.78
N ASN B 107 -6.58 19.93 -20.37
CA ASN B 107 -6.11 18.85 -19.50
C ASN B 107 -5.36 17.80 -20.32
N TYR B 108 -4.38 18.21 -21.13
CA TYR B 108 -3.73 17.27 -22.04
C TYR B 108 -2.81 16.33 -21.26
N GLU B 109 -2.60 16.68 -20.00
CA GLU B 109 -2.12 15.76 -18.98
C GLU B 109 -2.99 14.51 -19.04
N ALA B 110 -4.27 14.73 -19.22
CA ALA B 110 -5.25 13.73 -19.63
C ALA B 110 -5.11 13.50 -21.14
N TRP B 111 -6.21 13.26 -21.84
CA TRP B 111 -6.11 12.96 -23.27
C TRP B 111 -5.35 11.64 -23.48
N PHE B 112 -6.08 10.59 -23.79
CA PHE B 112 -5.51 9.27 -23.99
C PHE B 112 -5.10 8.61 -22.68
N ALA B 113 -5.67 9.06 -21.56
CA ALA B 113 -5.31 8.53 -20.26
C ALA B 113 -6.28 7.45 -19.81
N TYR B 114 -7.57 7.73 -19.98
CA TYR B 114 -8.63 6.79 -19.68
C TYR B 114 -8.93 5.81 -20.80
N TRP B 115 -8.69 4.54 -20.54
CA TRP B 115 -9.05 3.46 -21.44
C TRP B 115 -10.10 2.56 -20.80
N GLY B 116 -10.75 1.75 -21.62
CA GLY B 116 -11.67 0.75 -21.11
C GLY B 116 -10.90 -0.57 -21.03
N GLN B 117 -11.56 -1.67 -20.71
CA GLN B 117 -10.89 -2.94 -20.52
C GLN B 117 -10.62 -3.61 -21.87
N GLY B 118 -11.36 -3.17 -22.87
CA GLY B 118 -11.22 -3.67 -24.23
C GLY B 118 -12.16 -4.84 -24.45
N THR B 119 -12.63 -4.98 -25.68
CA THR B 119 -13.54 -6.08 -26.03
C THR B 119 -12.88 -6.94 -27.09
N THR B 120 -13.03 -8.27 -26.98
CA THR B 120 -12.30 -9.14 -27.89
C THR B 120 -13.17 -9.55 -29.07
N VAL B 121 -12.55 -9.53 -30.24
CA VAL B 121 -13.23 -9.81 -31.50
C VAL B 121 -12.49 -10.85 -32.33
N THR B 122 -13.21 -11.92 -32.69
CA THR B 122 -12.59 -13.02 -33.42
C THR B 122 -13.30 -13.26 -34.74
N VAL B 123 -12.60 -12.95 -35.81
CA VAL B 123 -13.05 -13.04 -37.20
C VAL B 123 -12.85 -14.43 -37.77
N SER B 124 -13.93 -15.18 -37.88
CA SER B 124 -13.89 -16.53 -38.40
C SER B 124 -15.30 -17.08 -38.54
N SER B 125 -15.55 -17.81 -39.63
CA SER B 125 -16.85 -18.47 -39.73
C SER B 125 -17.01 -19.43 -38.55
N ALA B 126 -15.98 -20.23 -38.38
CA ALA B 126 -15.73 -21.29 -37.42
C ALA B 126 -16.81 -21.39 -36.34
N LYS B 127 -17.14 -22.61 -35.94
CA LYS B 127 -18.29 -22.89 -35.10
C LYS B 127 -18.04 -22.64 -33.62
N THR B 128 -19.12 -22.25 -32.94
CA THR B 128 -19.13 -21.96 -31.51
C THR B 128 -19.48 -23.20 -30.71
N THR B 129 -18.60 -23.59 -29.79
CA THR B 129 -18.82 -24.72 -28.91
C THR B 129 -18.35 -24.40 -27.49
N PRO B 130 -19.26 -24.55 -26.54
CA PRO B 130 -18.92 -24.33 -25.13
C PRO B 130 -17.79 -25.29 -24.71
N PRO B 131 -17.21 -25.06 -23.56
CA PRO B 131 -16.11 -25.91 -23.10
C PRO B 131 -16.61 -27.10 -22.28
N SER B 132 -15.70 -28.03 -22.02
CA SER B 132 -15.93 -29.06 -21.00
C SER B 132 -14.95 -28.79 -19.86
N VAL B 133 -15.46 -28.63 -18.64
CA VAL B 133 -14.57 -28.31 -17.53
C VAL B 133 -14.32 -29.51 -16.62
N TYR B 134 -13.06 -29.79 -16.29
CA TYR B 134 -12.71 -30.91 -15.44
C TYR B 134 -11.67 -30.54 -14.40
N PRO B 135 -11.82 -31.15 -13.22
CA PRO B 135 -10.96 -30.89 -12.07
C PRO B 135 -9.63 -31.63 -12.14
N LEU B 136 -8.55 -30.88 -11.98
CA LEU B 136 -7.22 -31.50 -11.92
C LEU B 136 -6.90 -31.85 -10.47
N ALA B 137 -7.18 -33.10 -10.11
CA ALA B 137 -6.94 -33.57 -8.74
C ALA B 137 -5.68 -34.42 -8.69
N PRO B 138 -4.80 -34.14 -7.74
CA PRO B 138 -3.53 -34.86 -7.61
C PRO B 138 -3.72 -36.33 -7.28
N GLY B 139 -2.80 -36.90 -6.50
CA GLY B 139 -2.85 -38.31 -6.14
C GLY B 139 -2.29 -38.62 -4.77
N SER B 140 -1.03 -39.05 -4.73
CA SER B 140 -0.37 -39.42 -3.49
C SER B 140 0.10 -38.19 -2.72
N GLN B 143 -1.61 -35.15 -1.15
CA GLN B 143 -1.91 -34.49 0.14
C GLN B 143 -0.66 -33.85 0.74
N THR B 144 0.50 -34.40 0.40
CA THR B 144 1.77 -33.89 0.90
C THR B 144 1.98 -32.45 0.45
N ASN B 145 3.23 -31.99 0.57
CA ASN B 145 3.55 -30.62 0.18
C ASN B 145 2.66 -29.62 0.92
N SER B 146 3.24 -28.81 1.79
CA SER B 146 2.52 -27.82 2.58
C SER B 146 1.58 -27.00 1.68
N MET B 147 2.08 -26.71 0.49
CA MET B 147 1.30 -26.10 -0.57
C MET B 147 0.90 -27.15 -1.60
N VAL B 148 -0.29 -27.69 -1.43
CA VAL B 148 -0.86 -28.64 -2.38
C VAL B 148 -1.50 -27.86 -3.52
N THR B 149 -1.22 -28.25 -4.75
CA THR B 149 -1.69 -27.49 -5.90
C THR B 149 -2.76 -28.24 -6.67
N LEU B 150 -3.91 -27.61 -6.88
CA LEU B 150 -5.00 -28.21 -7.65
C LEU B 150 -5.21 -27.45 -8.96
N GLY B 151 -5.82 -28.06 -9.97
CA GLY B 151 -5.97 -27.38 -11.24
C GLY B 151 -7.34 -27.55 -11.89
N CYS B 152 -7.62 -26.68 -12.85
CA CYS B 152 -8.83 -26.71 -13.65
C CYS B 152 -8.48 -26.80 -15.14
N LEU B 153 -8.99 -27.82 -15.81
CA LEU B 153 -8.73 -28.04 -17.22
C LEU B 153 -9.91 -27.59 -18.06
N VAL B 154 -9.77 -26.47 -18.76
CA VAL B 154 -10.90 -25.99 -19.54
C VAL B 154 -10.64 -26.25 -21.03
N LYS B 155 -11.27 -27.33 -21.49
CA LYS B 155 -11.04 -27.86 -22.83
C LYS B 155 -12.26 -27.78 -23.72
N GLY B 156 -12.02 -27.53 -25.00
CA GLY B 156 -13.07 -27.60 -26.00
C GLY B 156 -14.08 -26.48 -25.94
N TYR B 157 -13.62 -25.26 -26.22
CA TYR B 157 -14.57 -24.16 -26.29
C TYR B 157 -14.19 -23.23 -27.44
N PHE B 158 -15.15 -22.36 -27.79
CA PHE B 158 -14.89 -21.39 -28.84
C PHE B 158 -16.03 -20.40 -28.98
N PRO B 159 -15.70 -19.13 -29.15
CA PRO B 159 -14.31 -18.68 -29.10
C PRO B 159 -13.96 -18.14 -27.71
N GLU B 160 -12.90 -17.35 -27.66
CA GLU B 160 -12.49 -16.70 -26.42
C GLU B 160 -13.27 -15.41 -26.18
N PRO B 161 -13.35 -14.97 -24.94
CA PRO B 161 -12.71 -15.60 -23.79
C PRO B 161 -13.65 -16.37 -22.88
N VAL B 162 -13.07 -16.99 -21.86
CA VAL B 162 -13.84 -17.70 -20.85
C VAL B 162 -13.51 -17.14 -19.47
N THR B 163 -14.51 -17.11 -18.57
CA THR B 163 -14.18 -16.62 -17.22
C THR B 163 -13.83 -17.80 -16.31
N VAL B 164 -12.70 -17.64 -15.63
CA VAL B 164 -12.30 -18.62 -14.63
C VAL B 164 -11.77 -17.92 -13.39
N THR B 165 -12.42 -18.20 -12.27
CA THR B 165 -12.01 -17.78 -10.95
C THR B 165 -12.41 -18.85 -9.93
N TRP B 166 -11.87 -18.74 -8.71
CA TRP B 166 -12.12 -19.79 -7.72
C TRP B 166 -12.97 -19.29 -6.57
N ASN B 167 -13.81 -20.19 -6.05
CA ASN B 167 -14.73 -19.92 -4.96
C ASN B 167 -15.46 -18.61 -5.15
N SER B 168 -16.27 -18.57 -6.20
CA SER B 168 -17.05 -17.41 -6.61
C SER B 168 -16.22 -16.13 -6.49
N GLY B 169 -14.98 -16.22 -6.94
CA GLY B 169 -14.03 -15.13 -6.92
C GLY B 169 -13.35 -14.94 -5.57
N SER B 170 -13.70 -15.78 -4.59
CA SER B 170 -13.12 -15.64 -3.26
C SER B 170 -11.62 -15.97 -3.27
N LEU B 171 -11.25 -16.94 -4.10
CA LEU B 171 -9.84 -17.34 -4.21
C LEU B 171 -9.12 -16.55 -5.30
N SER B 172 -8.63 -15.37 -4.97
CA SER B 172 -7.89 -14.56 -5.94
C SER B 172 -6.39 -14.86 -5.84
N SER B 173 -5.91 -15.01 -4.61
CA SER B 173 -4.53 -15.31 -4.29
C SER B 173 -4.11 -16.68 -4.81
N GLY B 174 -2.91 -16.76 -5.37
CA GLY B 174 -2.34 -18.00 -5.84
C GLY B 174 -3.11 -18.63 -6.98
N VAL B 175 -3.80 -17.82 -7.78
CA VAL B 175 -4.48 -18.35 -8.96
C VAL B 175 -3.58 -18.24 -10.19
N HIS B 176 -3.64 -19.27 -11.01
CA HIS B 176 -2.80 -19.36 -12.20
C HIS B 176 -3.63 -19.70 -13.43
N THR B 177 -4.29 -18.73 -14.05
CA THR B 177 -4.99 -19.10 -15.27
C THR B 177 -4.08 -18.84 -16.47
N PHE B 178 -4.04 -19.84 -17.35
CA PHE B 178 -3.16 -19.74 -18.52
C PHE B 178 -3.91 -19.19 -19.73
N PRO B 179 -3.13 -18.66 -20.67
CA PRO B 179 -3.70 -18.22 -21.94
C PRO B 179 -4.00 -19.46 -22.81
N ALA B 180 -5.15 -19.46 -23.46
CA ALA B 180 -5.58 -20.55 -24.32
C ALA B 180 -4.58 -20.82 -25.43
N VAL B 181 -4.58 -22.07 -25.89
CA VAL B 181 -3.82 -22.49 -27.05
C VAL B 181 -4.78 -22.84 -28.18
N LEU B 182 -4.55 -22.31 -29.38
CA LEU B 182 -5.42 -22.68 -30.50
C LEU B 182 -4.89 -23.94 -31.18
N GLN B 183 -5.75 -24.95 -31.26
CA GLN B 183 -5.38 -26.23 -31.85
C GLN B 183 -6.57 -26.84 -32.57
N SER B 184 -6.43 -27.12 -33.85
CA SER B 184 -7.55 -27.70 -34.60
C SER B 184 -8.75 -26.77 -34.56
N ASP B 185 -8.49 -25.47 -34.69
CA ASP B 185 -9.59 -24.49 -34.57
C ASP B 185 -10.32 -24.70 -33.25
N LEU B 186 -9.54 -24.90 -32.19
CA LEU B 186 -10.07 -25.12 -30.86
C LEU B 186 -9.09 -24.61 -29.80
N TYR B 187 -9.63 -24.10 -28.71
CA TYR B 187 -8.85 -23.55 -27.62
C TYR B 187 -8.93 -24.43 -26.39
N THR B 188 -7.91 -24.37 -25.55
CA THR B 188 -7.86 -25.05 -24.27
C THR B 188 -6.95 -24.33 -23.28
N LEU B 189 -7.37 -24.20 -22.03
CA LEU B 189 -6.44 -23.70 -21.01
C LEU B 189 -6.71 -24.40 -19.67
N SER B 190 -5.88 -24.08 -18.69
CA SER B 190 -5.99 -24.63 -17.35
C SER B 190 -6.08 -23.52 -16.31
N SER B 191 -6.44 -23.90 -15.08
CA SER B 191 -6.45 -22.96 -13.96
C SER B 191 -5.88 -23.63 -12.70
N SER B 192 -4.70 -23.20 -12.30
CA SER B 192 -4.07 -23.75 -11.10
C SER B 192 -4.17 -22.78 -9.92
N VAL B 193 -4.38 -23.38 -8.75
CA VAL B 193 -4.41 -22.66 -7.49
C VAL B 193 -3.64 -23.45 -6.43
N THR B 194 -2.93 -22.74 -5.56
CA THR B 194 -2.13 -23.40 -4.53
C THR B 194 -2.58 -23.02 -3.13
N VAL B 195 -3.64 -23.66 -2.64
CA VAL B 195 -4.11 -23.43 -1.28
C VAL B 195 -3.57 -24.51 -0.34
N PRO B 196 -3.50 -24.19 0.95
CA PRO B 196 -3.04 -25.17 1.95
C PRO B 196 -4.10 -26.24 2.19
N SER B 197 -3.79 -27.23 3.02
CA SER B 197 -4.74 -28.27 3.38
C SER B 197 -5.95 -27.70 4.11
N SER B 198 -5.73 -26.63 4.87
CA SER B 198 -6.82 -26.01 5.63
C SER B 198 -7.98 -25.63 4.70
N PRO B 199 -7.77 -24.91 3.62
CA PRO B 199 -8.89 -24.65 2.69
C PRO B 199 -9.39 -25.93 2.04
N ARG B 200 -8.46 -26.78 1.59
CA ARG B 200 -8.85 -27.98 0.86
C ARG B 200 -8.11 -29.22 1.33
N PRO B 201 -8.74 -30.37 1.14
CA PRO B 201 -10.13 -30.41 0.67
C PRO B 201 -11.11 -30.42 1.83
N SER B 202 -11.23 -29.29 2.52
CA SER B 202 -12.05 -29.16 3.72
C SER B 202 -13.06 -28.03 3.57
N GLU B 203 -12.57 -26.85 3.25
CA GLU B 203 -13.37 -25.66 3.02
C GLU B 203 -14.16 -25.77 1.72
N THR B 204 -13.73 -26.70 0.87
CA THR B 204 -14.31 -26.92 -0.45
C THR B 204 -13.90 -25.81 -1.41
N VAL B 205 -13.27 -26.22 -2.51
CA VAL B 205 -12.76 -25.30 -3.51
C VAL B 205 -13.48 -25.43 -4.84
N THR B 206 -14.08 -24.34 -5.31
CA THR B 206 -14.79 -24.41 -6.58
C THR B 206 -14.10 -23.57 -7.66
N CYS B 207 -14.25 -24.03 -8.89
CA CYS B 207 -13.72 -23.44 -10.11
C CYS B 207 -14.85 -23.03 -11.04
N ASN B 208 -15.23 -21.75 -11.01
CA ASN B 208 -16.37 -21.30 -11.81
C ASN B 208 -15.92 -20.80 -13.19
N VAL B 209 -16.25 -21.61 -14.18
CA VAL B 209 -15.94 -21.39 -15.57
C VAL B 209 -17.11 -20.77 -16.32
N ALA B 210 -16.81 -19.97 -17.33
CA ALA B 210 -17.84 -19.34 -18.16
C ALA B 210 -17.38 -19.17 -19.61
N HIS B 211 -18.33 -19.32 -20.50
CA HIS B 211 -18.22 -19.10 -21.94
C HIS B 211 -19.26 -18.06 -22.36
N PRO B 212 -18.86 -16.80 -22.41
CA PRO B 212 -19.81 -15.73 -22.74
C PRO B 212 -20.48 -16.01 -24.07
N ALA B 213 -19.65 -16.40 -25.04
CA ALA B 213 -20.10 -16.71 -26.38
C ALA B 213 -21.14 -17.82 -26.39
N SER B 214 -20.75 -19.02 -25.99
CA SER B 214 -21.66 -20.16 -26.00
C SER B 214 -22.56 -20.15 -24.77
N SER B 215 -22.44 -19.07 -24.00
CA SER B 215 -23.16 -18.89 -22.75
C SER B 215 -23.08 -20.16 -21.90
N THR B 216 -21.85 -20.46 -21.49
CA THR B 216 -21.59 -21.66 -20.70
C THR B 216 -20.88 -21.31 -19.39
N LYS B 217 -21.67 -21.30 -18.32
CA LYS B 217 -21.27 -21.05 -16.96
C LYS B 217 -21.35 -22.35 -16.15
N VAL B 218 -20.22 -22.81 -15.61
CA VAL B 218 -20.23 -24.06 -14.84
C VAL B 218 -19.18 -24.05 -13.74
N ASP B 219 -19.52 -24.65 -12.60
CA ASP B 219 -18.67 -24.81 -11.43
C ASP B 219 -18.26 -26.26 -11.22
N LYS B 220 -16.95 -26.51 -11.30
CA LYS B 220 -16.44 -27.86 -11.08
C LYS B 220 -16.00 -28.09 -9.64
N LYS B 221 -16.83 -28.80 -8.87
CA LYS B 221 -16.47 -29.14 -7.50
C LYS B 221 -15.17 -29.95 -7.47
N ILE B 222 -14.07 -29.29 -7.16
CA ILE B 222 -12.77 -29.97 -7.12
C ILE B 222 -12.78 -31.09 -6.07
N VAL B 223 -13.00 -32.30 -6.55
CA VAL B 223 -13.12 -33.48 -5.68
C VAL B 223 -11.75 -33.97 -5.22
N PRO B 224 -11.69 -34.33 -3.94
CA PRO B 224 -10.46 -34.84 -3.32
C PRO B 224 -10.10 -36.25 -3.80
N ARG B 225 -9.39 -36.29 -4.91
CA ARG B 225 -8.87 -37.48 -5.55
C ARG B 225 -8.49 -37.18 -7.00
N ASP B 226 -8.34 -38.15 -7.76
N GLU C 1 17.13 -10.35 19.60
CA GLU C 1 15.95 -9.51 19.76
C GLU C 1 15.56 -8.90 18.42
N VAL C 2 14.33 -9.16 17.95
CA VAL C 2 13.89 -8.49 16.72
C VAL C 2 13.94 -6.98 16.89
N LYS C 3 14.97 -6.33 16.33
CA LYS C 3 15.09 -4.88 16.50
C LYS C 3 15.05 -4.14 15.17
N LEU C 4 14.23 -3.10 15.12
CA LEU C 4 14.04 -2.23 13.97
C LEU C 4 14.45 -0.80 14.30
N GLN C 5 15.23 -0.17 13.41
CA GLN C 5 15.62 1.21 13.67
C GLN C 5 15.48 2.09 12.44
N GLU C 6 14.46 2.95 12.42
CA GLU C 6 14.27 3.82 11.26
C GLU C 6 14.93 5.18 11.43
N SER C 7 15.77 5.54 10.45
CA SER C 7 16.48 6.80 10.45
C SER C 7 16.13 7.63 9.23
N GLY C 8 16.74 8.81 9.13
CA GLY C 8 16.58 9.66 7.96
C GLY C 8 15.59 10.78 8.17
N GLY C 9 14.55 10.56 8.98
CA GLY C 9 13.55 11.57 9.24
C GLY C 9 14.13 12.91 9.63
N GLY C 10 13.30 13.95 9.63
CA GLY C 10 13.71 15.29 9.98
C GLY C 10 12.84 16.31 9.26
N LEU C 11 13.33 17.53 9.06
CA LEU C 11 12.54 18.51 8.32
C LEU C 11 12.81 18.40 6.82
N VAL C 12 11.78 18.70 6.03
CA VAL C 12 11.94 18.68 4.58
C VAL C 12 11.17 19.84 3.95
N GLN C 13 11.82 20.52 3.01
CA GLN C 13 11.14 21.55 2.22
C GLN C 13 10.10 20.86 1.32
N PRO C 14 8.92 21.46 1.23
CA PRO C 14 7.83 20.90 0.43
C PRO C 14 8.17 20.83 -1.07
N GLY C 15 7.87 19.68 -1.67
CA GLY C 15 8.20 19.43 -3.06
C GLY C 15 9.58 18.79 -3.14
N HIS C 16 10.13 18.47 -1.97
CA HIS C 16 11.44 17.81 -1.93
C HIS C 16 11.26 16.33 -1.62
N SER C 17 12.39 15.63 -1.60
CA SER C 17 12.42 14.19 -1.38
C SER C 17 13.25 13.78 -0.18
N LEU C 18 12.93 12.63 0.39
CA LEU C 18 13.62 12.03 1.52
C LEU C 18 13.61 10.51 1.46
N ARG C 19 14.75 9.86 1.71
CA ARG C 19 14.79 8.42 1.80
C ARG C 19 14.90 7.97 3.26
N LEU C 20 13.89 7.29 3.76
CA LEU C 20 13.91 6.73 5.10
C LEU C 20 14.52 5.32 5.09
N SER C 21 15.46 5.09 5.98
CA SER C 21 16.07 3.78 6.18
C SER C 21 15.43 3.06 7.36
N CYS C 22 15.88 1.83 7.58
CA CYS C 22 15.34 1.02 8.68
C CYS C 22 16.22 -0.21 8.85
N ALA C 23 17.15 -0.12 9.80
CA ALA C 23 18.09 -1.19 10.09
C ALA C 23 17.41 -2.25 10.95
N THR C 24 17.80 -3.49 10.70
CA THR C 24 17.21 -4.69 11.28
C THR C 24 18.32 -5.65 11.73
N SER C 25 17.96 -6.41 12.75
CA SER C 25 18.76 -7.42 13.41
C SER C 25 17.90 -8.17 14.43
N GLY C 26 18.15 -9.47 14.55
CA GLY C 26 17.44 -10.32 15.49
C GLY C 26 16.53 -11.32 14.78
N PHE C 27 16.61 -11.34 13.46
CA PHE C 27 15.81 -12.22 12.64
C PHE C 27 16.39 -12.32 11.23
N THR C 28 15.88 -13.23 10.42
CA THR C 28 16.42 -13.39 9.06
C THR C 28 15.56 -12.65 8.04
N PHE C 29 15.93 -11.41 7.85
CA PHE C 29 15.38 -10.41 6.96
C PHE C 29 14.64 -11.01 5.77
N THR C 30 15.43 -11.50 4.82
CA THR C 30 14.98 -12.00 3.54
C THR C 30 13.72 -12.84 3.61
N ASP C 31 13.48 -13.55 4.70
CA ASP C 31 12.32 -14.40 4.88
C ASP C 31 11.05 -13.61 5.13
N TYR C 32 11.14 -12.31 5.43
CA TYR C 32 9.92 -11.61 5.82
C TYR C 32 9.54 -10.43 4.94
N TYR C 33 8.22 -10.26 4.70
CA TYR C 33 7.80 -8.99 4.11
C TYR C 33 8.02 -7.88 5.14
N MET C 34 8.08 -6.63 4.69
CA MET C 34 8.33 -5.51 5.60
C MET C 34 7.51 -4.30 5.21
N SER C 35 6.45 -4.01 5.98
CA SER C 35 5.62 -2.87 5.60
C SER C 35 6.27 -1.56 6.06
N TRP C 36 5.50 -0.53 5.79
CA TRP C 36 5.72 0.86 6.09
C TRP C 36 4.37 1.45 6.51
N VAL C 37 4.36 2.12 7.66
CA VAL C 37 3.14 2.79 8.12
C VAL C 37 3.53 4.17 8.62
N ARG C 38 2.58 5.08 8.73
CA ARG C 38 2.93 6.36 9.34
C ARG C 38 1.78 6.83 10.21
N GLN C 39 2.02 7.84 11.04
CA GLN C 39 0.94 8.38 11.88
C GLN C 39 1.19 9.88 12.01
N PRO C 40 0.17 10.65 11.67
CA PRO C 40 0.26 12.10 11.68
C PRO C 40 -0.23 12.63 13.03
N PRO C 41 0.52 13.57 13.56
CA PRO C 41 0.29 14.27 14.82
C PRO C 41 -1.14 14.24 15.30
N GLY C 42 -1.40 13.46 16.34
CA GLY C 42 -2.72 13.29 16.91
C GLY C 42 -3.69 12.60 15.98
N LYS C 43 -3.20 11.81 15.04
CA LYS C 43 -4.11 11.16 14.10
C LYS C 43 -3.81 9.68 13.92
N ALA C 44 -4.63 9.06 13.08
CA ALA C 44 -4.73 7.63 12.84
C ALA C 44 -3.60 7.10 11.97
N LEU C 45 -3.23 5.85 12.23
CA LEU C 45 -2.18 5.15 11.50
C LEU C 45 -2.64 4.87 10.06
N GLU C 46 -1.69 5.08 9.15
CA GLU C 46 -1.87 4.97 7.72
C GLU C 46 -0.89 4.01 7.06
N TRP C 47 -1.38 2.86 6.63
CA TRP C 47 -0.56 1.90 5.88
C TRP C 47 -0.08 2.52 4.57
N LEU C 48 1.22 2.42 4.31
CA LEU C 48 1.82 3.00 3.11
C LEU C 48 2.09 1.95 2.05
N GLY C 49 2.45 0.74 2.50
CA GLY C 49 2.70 -0.37 1.61
C GLY C 49 3.79 -1.30 2.10
N LEU C 50 3.89 -2.51 1.52
CA LEU C 50 4.97 -3.41 1.90
C LEU C 50 5.90 -3.68 0.71
N ILE C 51 6.72 -4.70 0.88
CA ILE C 51 7.64 -5.29 -0.07
C ILE C 51 7.83 -6.77 0.27
N ARG C 52 7.38 -7.66 -0.62
CA ARG C 52 7.36 -9.08 -0.27
C ARG C 52 8.77 -9.60 0.00
N ASN C 53 8.89 -10.90 0.27
CA ASN C 53 10.21 -11.46 0.55
C ASN C 53 10.82 -12.07 -0.71
N LYS C 54 12.03 -12.59 -0.58
CA LYS C 54 12.73 -13.24 -1.67
C LYS C 54 11.85 -14.24 -2.40
N ALA C 55 11.14 -15.07 -1.64
CA ALA C 55 10.29 -16.09 -2.22
C ALA C 55 9.11 -15.49 -2.98
N ASN C 56 8.90 -14.19 -2.87
CA ASN C 56 7.78 -13.54 -3.57
C ASN C 56 8.28 -12.35 -4.39
N GLY C 57 9.49 -12.48 -4.90
CA GLY C 57 10.24 -11.60 -5.75
C GLY C 57 10.47 -10.18 -5.28
N TYR C 58 10.34 -9.93 -3.99
CA TYR C 58 10.49 -8.57 -3.46
C TYR C 58 9.62 -7.60 -4.25
N THR C 59 8.38 -8.03 -4.50
CA THR C 59 7.42 -7.24 -5.23
C THR C 59 6.68 -6.29 -4.30
N LYS C 60 6.42 -5.10 -4.81
CA LYS C 60 5.99 -3.97 -4.01
C LYS C 60 4.52 -3.61 -4.25
N GLU C 61 3.77 -3.57 -3.16
CA GLU C 61 2.39 -3.12 -3.11
C GLU C 61 2.35 -1.78 -2.39
N TYR C 62 1.43 -0.90 -2.74
CA TYR C 62 1.39 0.44 -2.17
C TYR C 62 -0.04 0.86 -1.78
N SER C 63 -0.11 2.07 -1.28
CA SER C 63 -1.32 2.81 -1.00
C SER C 63 -1.53 3.88 -2.09
N ALA C 64 -2.70 3.89 -2.70
CA ALA C 64 -3.09 4.82 -3.75
C ALA C 64 -2.74 6.26 -3.38
N SER C 65 -2.88 6.57 -2.09
CA SER C 65 -2.57 7.88 -1.55
C SER C 65 -1.07 8.14 -1.52
N VAL C 66 -0.27 7.09 -1.71
CA VAL C 66 1.18 7.28 -1.70
C VAL C 66 1.85 6.66 -2.91
N LYS C 67 1.07 6.22 -3.91
CA LYS C 67 1.69 5.67 -5.11
C LYS C 67 2.07 6.77 -6.10
N GLY C 68 3.21 6.56 -6.77
CA GLY C 68 3.79 7.51 -7.69
C GLY C 68 4.87 8.32 -7.01
N ARG C 69 4.61 8.69 -5.76
CA ARG C 69 5.55 9.45 -4.96
C ARG C 69 6.43 8.56 -4.09
N PHE C 70 5.87 7.45 -3.58
CA PHE C 70 6.65 6.66 -2.64
C PHE C 70 7.16 5.36 -3.25
N THR C 71 8.48 5.20 -3.24
CA THR C 71 9.11 3.98 -3.67
C THR C 71 9.71 3.22 -2.50
N ILE C 72 9.35 1.95 -2.32
CA ILE C 72 10.01 1.17 -1.26
C ILE C 72 11.12 0.33 -1.87
N SER C 73 12.20 0.15 -1.12
CA SER C 73 13.31 -0.71 -1.49
C SER C 73 13.83 -1.45 -0.26
N ARG C 74 14.85 -2.29 -0.45
CA ARG C 74 15.46 -2.90 0.73
C ARG C 74 16.76 -3.61 0.35
N ASP C 75 17.78 -3.29 1.12
CA ASP C 75 19.12 -3.86 0.98
C ASP C 75 19.20 -5.11 1.85
N ASN C 76 19.21 -6.26 1.18
CA ASN C 76 19.21 -7.53 1.89
C ASN C 76 20.63 -7.91 2.32
N SER C 77 21.61 -7.14 1.87
CA SER C 77 23.00 -7.42 2.23
C SER C 77 23.31 -6.98 3.65
N GLN C 78 22.64 -5.92 4.09
CA GLN C 78 22.83 -5.41 5.44
C GLN C 78 21.49 -5.42 6.19
N SER C 79 20.47 -5.86 5.47
CA SER C 79 19.16 -6.06 6.06
C SER C 79 18.41 -4.76 6.36
N ILE C 80 18.30 -3.86 5.39
CA ILE C 80 17.55 -2.63 5.60
C ILE C 80 16.24 -2.59 4.82
N LEU C 81 15.30 -1.80 5.31
CA LEU C 81 14.07 -1.44 4.61
C LEU C 81 14.13 0.03 4.20
N TYR C 82 13.81 0.35 2.94
CA TYR C 82 13.86 1.76 2.56
C TYR C 82 12.49 2.26 2.12
N LEU C 83 12.35 3.57 2.21
CA LEU C 83 11.20 4.31 1.75
C LEU C 83 11.67 5.63 1.13
N GLN C 84 11.63 5.70 -0.20
CA GLN C 84 11.96 6.94 -0.87
C GLN C 84 10.68 7.77 -1.02
N MET C 85 10.76 8.98 -0.49
CA MET C 85 9.64 9.91 -0.55
C MET C 85 10.02 11.12 -1.40
N ASN C 86 9.22 11.35 -2.43
CA ASN C 86 9.45 12.42 -3.38
C ASN C 86 8.23 13.33 -3.43
N ALA C 87 8.43 14.58 -3.87
CA ALA C 87 7.32 15.52 -3.97
C ALA C 87 6.56 15.59 -2.66
N LEU C 88 7.33 15.61 -1.58
CA LEU C 88 6.80 15.55 -0.23
C LEU C 88 5.78 16.65 0.04
N ARG C 89 4.59 16.23 0.43
CA ARG C 89 3.42 17.03 0.69
C ARG C 89 3.27 17.37 2.17
N ALA C 90 2.58 18.48 2.42
CA ALA C 90 2.37 18.92 3.79
C ALA C 90 1.78 17.79 4.63
N GLU C 91 0.77 17.13 4.08
CA GLU C 91 0.00 16.08 4.70
C GLU C 91 0.81 14.83 5.03
N ASP C 92 2.09 14.81 4.73
CA ASP C 92 2.88 13.60 4.95
C ASP C 92 3.73 13.76 6.21
N SER C 93 3.72 14.96 6.77
CA SER C 93 4.36 15.16 8.07
C SER C 93 3.81 14.16 9.08
N ALA C 94 4.70 13.32 9.63
CA ALA C 94 4.22 12.25 10.48
C ALA C 94 5.35 11.44 11.12
N THR C 95 4.93 10.37 11.79
CA THR C 95 5.94 9.42 12.29
C THR C 95 5.81 8.15 11.47
N TYR C 96 6.95 7.70 10.96
CA TYR C 96 7.05 6.57 10.05
C TYR C 96 7.69 5.38 10.75
N TYR C 97 6.98 4.27 10.67
CA TYR C 97 7.28 3.02 11.35
C TYR C 97 7.59 1.89 10.39
N CYS C 98 8.75 1.23 10.52
CA CYS C 98 8.89 0.03 9.70
C CYS C 98 8.43 -1.15 10.57
N VAL C 99 7.67 -2.03 9.95
CA VAL C 99 7.13 -3.20 10.61
C VAL C 99 7.53 -4.47 9.85
N ARG C 100 7.69 -5.54 10.62
CA ARG C 100 7.97 -6.84 10.03
C ARG C 100 6.63 -7.50 9.67
N ASP C 101 6.48 -7.74 8.38
CA ASP C 101 5.27 -8.34 7.81
C ASP C 101 5.44 -9.85 7.74
N LYS C 102 4.52 -10.52 7.07
CA LYS C 102 4.44 -11.97 6.97
C LYS C 102 5.75 -12.59 6.50
N GLY C 103 5.90 -13.91 6.68
CA GLY C 103 7.17 -14.55 6.42
C GLY C 103 7.04 -15.90 5.77
N SER C 104 8.15 -16.56 5.44
CA SER C 104 8.22 -17.74 4.62
C SER C 104 7.53 -18.98 5.18
N TYR C 105 6.84 -18.85 6.31
CA TYR C 105 6.19 -19.97 6.98
C TYR C 105 4.74 -19.66 7.28
N GLY C 106 4.26 -19.94 8.49
CA GLY C 106 2.88 -19.64 8.83
C GLY C 106 2.75 -18.91 10.14
N ASN C 107 3.85 -18.34 10.63
CA ASN C 107 3.80 -17.75 11.96
C ASN C 107 3.06 -16.43 11.97
N TYR C 108 1.77 -16.49 11.62
CA TYR C 108 0.95 -15.29 11.61
C TYR C 108 0.67 -14.83 13.05
N GLU C 109 1.00 -15.68 14.01
CA GLU C 109 1.06 -15.32 15.42
C GLU C 109 1.79 -13.99 15.54
N ALA C 110 2.90 -13.91 14.82
CA ALA C 110 3.63 -12.68 14.57
C ALA C 110 2.91 -11.91 13.46
N TRP C 111 3.65 -11.44 12.46
CA TRP C 111 3.03 -10.69 11.37
C TRP C 111 2.38 -9.44 11.93
N PHE C 112 3.11 -8.33 11.81
CA PHE C 112 2.67 -7.04 12.33
C PHE C 112 2.80 -7.00 13.85
N ALA C 113 3.82 -7.70 14.35
CA ALA C 113 4.10 -7.78 15.77
C ALA C 113 5.28 -6.88 16.14
N TYR C 114 6.32 -6.93 15.30
CA TYR C 114 7.51 -6.14 15.56
C TYR C 114 7.58 -4.87 14.75
N TRP C 115 7.49 -3.73 15.43
CA TRP C 115 7.60 -2.42 14.83
C TRP C 115 8.88 -1.70 15.24
N GLY C 116 9.18 -0.61 14.55
CA GLY C 116 10.31 0.25 14.88
C GLY C 116 9.78 1.41 15.71
N GLN C 117 10.66 2.21 16.29
CA GLN C 117 10.19 3.33 17.11
C GLN C 117 9.66 4.46 16.21
N GLY C 118 10.10 4.40 14.97
CA GLY C 118 9.76 5.35 13.94
C GLY C 118 10.63 6.59 14.02
N THR C 119 10.77 7.27 12.90
CA THR C 119 11.51 8.55 12.81
C THR C 119 10.51 9.66 12.50
N THR C 120 10.71 10.85 13.05
CA THR C 120 9.73 11.93 12.79
C THR C 120 10.08 12.69 11.52
N VAL C 121 9.05 13.04 10.76
CA VAL C 121 9.19 13.68 9.46
C VAL C 121 8.38 14.96 9.33
N THR C 122 9.06 16.06 9.04
CA THR C 122 8.41 17.36 9.00
C THR C 122 8.52 18.02 7.62
N VAL C 123 7.39 18.13 6.95
CA VAL C 123 7.30 18.88 5.69
C VAL C 123 6.99 20.33 5.98
N SER C 124 7.99 21.20 5.84
CA SER C 124 7.77 22.60 6.21
C SER C 124 8.79 23.53 5.57
N SER C 125 8.31 24.67 5.09
CA SER C 125 9.17 25.64 4.46
C SER C 125 10.04 26.34 5.51
N ALA C 126 9.44 26.62 6.65
CA ALA C 126 10.05 27.26 7.80
C ALA C 126 11.45 26.72 8.09
N LYS C 127 12.29 27.56 8.66
CA LYS C 127 13.67 27.19 9.00
C LYS C 127 13.77 26.47 10.34
N THR C 128 14.84 25.70 10.51
CA THR C 128 15.19 25.04 11.74
C THR C 128 15.92 25.98 12.70
N THR C 129 15.41 26.11 13.92
CA THR C 129 16.03 26.94 14.94
C THR C 129 16.17 26.17 16.26
N PRO C 130 17.36 26.20 16.83
CA PRO C 130 17.62 25.51 18.10
C PRO C 130 16.63 25.98 19.15
N PRO C 131 16.50 25.23 20.23
CA PRO C 131 15.64 25.67 21.34
C PRO C 131 16.43 26.48 22.36
N SER C 132 15.71 27.15 23.25
CA SER C 132 16.29 27.89 24.35
C SER C 132 15.91 27.21 25.65
N VAL C 133 16.90 26.81 26.46
CA VAL C 133 16.54 26.08 27.68
C VAL C 133 16.72 26.93 28.93
N TYR C 134 15.66 27.04 29.72
CA TYR C 134 15.76 27.86 30.93
C TYR C 134 15.20 27.11 32.15
N PRO C 135 15.96 27.20 33.23
CA PRO C 135 15.67 26.46 34.46
C PRO C 135 14.50 27.05 35.23
N LEU C 136 13.51 26.21 35.52
CA LEU C 136 12.41 26.67 36.35
C LEU C 136 12.75 26.33 37.81
N ALA C 137 13.40 27.29 38.44
CA ALA C 137 13.81 27.26 39.84
C ALA C 137 12.78 27.98 40.69
N PRO C 138 12.47 27.45 41.87
CA PRO C 138 11.41 27.98 42.73
C PRO C 138 11.55 29.48 43.00
N GLY C 139 11.09 29.91 44.17
CA GLY C 139 11.17 31.30 44.56
C GLY C 139 10.42 31.58 45.86
N SER C 140 9.19 32.06 45.75
CA SER C 140 8.37 32.34 46.93
C SER C 140 7.75 31.07 47.51
N GLN C 143 13.32 25.25 52.64
CA GLN C 143 13.75 23.94 53.13
C GLN C 143 12.55 23.03 53.39
N THR C 144 11.41 23.66 53.73
CA THR C 144 10.18 22.90 53.96
C THR C 144 9.73 22.22 52.68
N ASN C 145 8.44 21.92 52.59
CA ASN C 145 7.91 21.25 51.41
C ASN C 145 8.68 19.97 51.12
N SER C 146 8.04 18.83 51.36
CA SER C 146 8.68 17.54 51.10
C SER C 146 9.06 17.44 49.62
N MET C 147 8.16 17.95 48.79
CA MET C 147 8.33 17.87 47.34
C MET C 147 8.45 19.25 46.73
N VAL C 148 9.69 19.62 46.41
CA VAL C 148 9.98 20.88 45.75
C VAL C 148 9.77 20.73 44.25
N THR C 149 9.12 21.71 43.62
CA THR C 149 8.80 21.62 42.21
C THR C 149 9.84 22.27 41.31
N LEU C 150 10.46 21.53 40.39
CA LEU C 150 11.40 22.17 39.46
C LEU C 150 11.01 21.92 38.02
N GLY C 151 11.42 22.78 37.09
CA GLY C 151 10.99 22.65 35.70
C GLY C 151 11.99 23.18 34.69
N CYS C 152 11.73 22.92 33.41
CA CYS C 152 12.60 23.33 32.31
C CYS C 152 11.78 23.91 31.16
N LEU C 153 12.14 25.12 30.71
CA LEU C 153 11.44 25.71 29.57
C LEU C 153 12.29 25.64 28.31
N VAL C 154 11.87 24.80 27.37
CA VAL C 154 12.56 24.70 26.08
C VAL C 154 11.72 25.42 25.01
N LYS C 155 12.17 26.61 24.67
CA LYS C 155 11.42 27.54 23.84
C LYS C 155 12.18 28.01 22.60
N GLY C 156 11.42 28.12 21.50
CA GLY C 156 11.95 28.60 20.24
C GLY C 156 12.69 27.54 19.45
N TYR C 157 12.08 26.38 19.24
CA TYR C 157 12.74 25.39 18.40
C TYR C 157 11.79 24.89 17.31
N PHE C 158 12.37 24.15 16.37
CA PHE C 158 11.62 23.62 15.23
C PHE C 158 12.56 22.81 14.34
N PRO C 159 12.07 21.69 13.84
CA PRO C 159 10.74 21.19 14.19
C PRO C 159 10.80 20.25 15.38
N GLU C 160 9.80 19.38 15.52
CA GLU C 160 9.83 18.39 16.58
C GLU C 160 10.68 17.18 16.16
N PRO C 161 11.18 16.42 17.12
CA PRO C 161 11.00 16.69 18.55
C PRO C 161 12.26 17.19 19.25
N VAL C 162 12.17 17.33 20.57
CA VAL C 162 13.32 17.55 21.42
C VAL C 162 13.38 16.47 22.49
N THR C 163 14.59 16.05 22.86
CA THR C 163 14.67 15.09 23.95
C THR C 163 14.88 15.83 25.27
N VAL C 164 14.09 15.42 26.27
CA VAL C 164 14.15 16.05 27.57
C VAL C 164 14.40 15.02 28.66
N THR C 165 15.45 15.22 29.45
CA THR C 165 15.69 14.34 30.59
C THR C 165 16.22 15.16 31.78
N TRP C 166 16.16 14.55 32.95
CA TRP C 166 16.79 15.11 34.14
C TRP C 166 17.84 14.13 34.66
N ASN C 167 18.97 14.67 35.11
CA ASN C 167 20.10 13.90 35.60
C ASN C 167 20.44 12.75 34.65
N SER C 168 20.86 13.10 33.44
CA SER C 168 21.28 12.22 32.38
C SER C 168 20.39 10.98 32.28
N GLY C 169 19.09 11.17 32.48
CA GLY C 169 18.13 10.10 32.42
C GLY C 169 18.12 9.21 33.65
N SER C 170 18.97 9.52 34.64
CA SER C 170 18.94 8.72 35.86
C SER C 170 17.66 8.98 36.64
N LEU C 171 17.20 10.23 36.66
CA LEU C 171 15.98 10.56 37.39
C LEU C 171 14.75 10.45 36.49
N SER C 172 14.24 9.23 36.32
CA SER C 172 13.10 8.98 35.45
C SER C 172 11.77 9.18 36.20
N SER C 173 11.79 8.81 37.46
CA SER C 173 10.62 8.66 38.32
C SER C 173 9.90 9.97 38.57
N GLY C 174 8.60 9.97 38.30
CA GLY C 174 7.70 11.07 38.58
C GLY C 174 8.06 12.36 37.88
N VAL C 175 8.36 12.29 36.59
CA VAL C 175 8.64 13.51 35.84
C VAL C 175 7.49 13.82 34.87
N HIS C 176 7.32 15.10 34.57
CA HIS C 176 6.23 15.57 33.72
C HIS C 176 6.73 16.35 32.51
N THR C 177 7.05 15.67 31.41
CA THR C 177 7.39 16.42 30.21
C THR C 177 6.15 16.58 29.34
N PHE C 178 5.92 17.81 28.88
CA PHE C 178 4.71 18.11 28.13
C PHE C 178 4.94 18.10 26.63
N PRO C 179 3.84 17.96 25.89
CA PRO C 179 3.90 18.05 24.43
C PRO C 179 4.23 19.48 24.01
N ALA C 180 5.05 19.62 22.97
CA ALA C 180 5.40 20.93 22.45
C ALA C 180 4.18 21.64 21.86
N VAL C 181 4.18 22.95 22.00
CA VAL C 181 3.09 23.77 21.46
C VAL C 181 3.67 24.71 20.42
N LEU C 182 3.05 24.74 19.24
CA LEU C 182 3.49 25.66 18.20
C LEU C 182 2.79 27.01 18.36
N GLN C 183 3.56 28.08 18.41
CA GLN C 183 3.03 29.44 18.52
C GLN C 183 3.86 30.36 17.62
N SER C 184 3.22 30.98 16.65
CA SER C 184 3.99 31.71 15.64
C SER C 184 4.88 30.70 14.89
N ASP C 185 4.33 29.52 14.67
CA ASP C 185 5.03 28.46 13.95
C ASP C 185 6.42 28.23 14.52
N LEU C 186 6.48 28.13 15.84
CA LEU C 186 7.70 27.81 16.56
C LEU C 186 7.35 27.02 17.83
N TYR C 187 8.23 26.09 18.22
CA TYR C 187 7.88 25.18 19.30
C TYR C 187 8.46 25.56 20.65
N THR C 188 7.69 25.23 21.68
CA THR C 188 8.02 25.42 23.08
C THR C 188 7.43 24.30 23.93
N LEU C 189 8.26 23.69 24.78
CA LEU C 189 7.68 22.73 25.70
C LEU C 189 8.31 22.86 27.09
N SER C 190 7.61 22.25 28.04
CA SER C 190 8.01 22.26 29.43
C SER C 190 8.14 20.84 29.99
N SER C 191 8.94 20.75 31.04
CA SER C 191 9.26 19.54 31.76
C SER C 191 9.34 19.82 33.26
N SER C 192 8.38 19.27 34.00
CA SER C 192 8.39 19.46 35.45
C SER C 192 8.94 18.25 36.18
N VAL C 193 9.61 18.52 37.29
CA VAL C 193 10.12 17.46 38.16
C VAL C 193 9.77 17.78 39.62
N THR C 194 9.49 16.73 40.37
CA THR C 194 9.16 16.87 41.78
C THR C 194 10.04 15.96 42.65
N VAL C 195 11.22 16.45 43.01
CA VAL C 195 12.13 15.74 43.89
C VAL C 195 11.80 16.00 45.35
N PRO C 196 12.29 15.17 46.25
CA PRO C 196 12.09 15.40 47.69
C PRO C 196 12.93 16.57 48.18
N SER C 197 12.62 17.05 49.38
CA SER C 197 13.30 18.21 49.95
C SER C 197 14.78 17.93 50.18
N SER C 198 15.09 16.67 50.49
CA SER C 198 16.46 16.26 50.78
C SER C 198 17.37 16.38 49.58
N PRO C 199 17.06 15.78 48.43
CA PRO C 199 18.00 15.80 47.31
C PRO C 199 18.40 17.20 46.89
N ARG C 200 17.43 18.13 46.81
CA ARG C 200 17.79 19.45 46.31
C ARG C 200 17.37 20.57 47.26
N PRO C 201 18.11 21.67 47.20
CA PRO C 201 19.26 21.79 46.31
C PRO C 201 20.55 21.32 46.97
N SER C 202 20.74 20.01 46.99
CA SER C 202 21.91 19.40 47.63
C SER C 202 22.69 18.52 46.65
N GLU C 203 22.03 17.47 46.19
CA GLU C 203 22.58 16.53 45.24
C GLU C 203 22.46 17.07 43.82
N THR C 204 21.54 18.02 43.65
CA THR C 204 21.38 18.77 42.41
C THR C 204 20.89 17.90 41.26
N VAL C 205 19.80 18.34 40.64
CA VAL C 205 19.20 17.67 39.50
C VAL C 205 19.31 18.50 38.23
N THR C 206 19.87 17.92 37.16
CA THR C 206 20.07 18.68 35.93
C THR C 206 19.09 18.26 34.83
N CYS C 207 18.89 19.19 33.91
CA CYS C 207 17.97 19.12 32.79
C CYS C 207 18.70 18.91 31.47
N ASN C 208 18.76 17.67 30.99
CA ASN C 208 19.40 17.44 29.69
C ASN C 208 18.39 17.49 28.56
N VAL C 209 18.52 18.54 27.75
CA VAL C 209 17.71 18.73 26.56
C VAL C 209 18.55 18.54 25.30
N ALA C 210 17.93 17.98 24.27
CA ALA C 210 18.61 17.75 23.00
C ALA C 210 17.67 17.97 21.82
N HIS C 211 18.24 18.62 20.81
CA HIS C 211 17.57 18.96 19.56
C HIS C 211 18.37 18.39 18.39
N PRO C 212 18.07 17.17 18.00
CA PRO C 212 18.81 16.55 16.89
C PRO C 212 18.74 17.45 15.66
N ALA C 213 17.53 17.95 15.42
CA ALA C 213 17.23 18.87 14.35
C ALA C 213 18.29 19.95 14.22
N SER C 214 18.42 20.76 15.26
CA SER C 214 19.46 21.78 15.30
C SER C 214 20.76 21.16 15.82
N SER C 215 20.72 19.84 15.99
CA SER C 215 21.84 19.08 16.54
C SER C 215 22.33 19.75 17.82
N THR C 216 21.40 20.04 18.73
CA THR C 216 21.63 20.86 19.91
C THR C 216 21.33 20.12 21.21
N LYS C 217 22.40 19.68 21.85
CA LYS C 217 22.39 19.01 23.15
C LYS C 217 22.75 19.99 24.26
N VAL C 218 21.83 20.23 25.19
CA VAL C 218 22.12 21.16 26.28
C VAL C 218 21.54 20.66 27.61
N ASP C 219 22.32 20.84 28.66
CA ASP C 219 21.95 20.43 30.01
C ASP C 219 21.78 21.63 30.93
N LYS C 220 20.53 21.91 31.34
CA LYS C 220 20.31 23.02 32.26
C LYS C 220 20.24 22.53 33.70
N LYS C 221 21.37 22.63 34.40
CA LYS C 221 21.35 22.37 35.84
C LYS C 221 20.50 23.43 36.52
N ILE C 222 19.28 23.09 36.87
CA ILE C 222 18.33 24.07 37.40
C ILE C 222 18.90 24.80 38.61
N VAL C 223 19.31 26.03 38.40
CA VAL C 223 19.99 26.88 39.37
C VAL C 223 19.35 26.86 40.75
N PRO C 224 20.20 26.81 41.78
CA PRO C 224 19.77 26.77 43.17
C PRO C 224 19.12 28.08 43.60
N ARG C 225 17.83 28.18 43.35
CA ARG C 225 17.01 29.35 43.66
C ARG C 225 15.67 29.27 42.94
N ASP C 226 15.13 30.31 42.53
N ASP D 1 -10.16 0.30 -1.69
CA ASP D 1 -9.76 0.71 -0.35
C ASP D 1 -10.87 0.42 0.66
N ILE D 2 -10.55 -0.47 1.59
CA ILE D 2 -11.46 -0.72 2.70
C ILE D 2 -11.30 0.35 3.76
N GLU D 3 -12.33 1.18 3.92
CA GLU D 3 -12.33 2.17 4.99
C GLU D 3 -12.95 1.59 6.25
N LEU D 4 -12.28 1.75 7.39
CA LEU D 4 -12.80 1.20 8.64
C LEU D 4 -12.97 2.29 9.70
N THR D 5 -14.19 2.35 10.21
CA THR D 5 -14.54 3.30 11.26
C THR D 5 -14.80 2.59 12.58
N GLN D 6 -14.12 3.03 13.64
CA GLN D 6 -14.31 2.45 14.96
C GLN D 6 -15.28 3.26 15.80
N SER D 7 -16.08 2.57 16.61
CA SER D 7 -16.95 3.26 17.55
C SER D 7 -16.92 2.53 18.90
N PRO D 8 -16.89 3.29 19.98
CA PRO D 8 -16.86 4.74 19.94
C PRO D 8 -15.46 5.30 19.67
N ALA D 9 -15.42 6.59 19.32
CA ALA D 9 -14.20 7.30 19.05
C ALA D 9 -13.41 7.57 20.32
N ILE D 10 -14.11 7.91 21.40
CA ILE D 10 -13.50 8.19 22.69
C ILE D 10 -14.37 7.68 23.83
N MET D 11 -13.77 7.51 25.01
CA MET D 11 -14.54 7.01 26.15
C MET D 11 -13.69 6.87 27.41
N ALA D 12 -14.29 7.22 28.54
CA ALA D 12 -13.61 7.09 29.83
C ALA D 12 -14.34 6.09 30.72
N ALA D 13 -13.78 4.89 30.85
CA ALA D 13 -14.46 3.83 31.59
C ALA D 13 -13.88 3.60 32.98
N SER D 14 -14.72 3.05 33.84
CA SER D 14 -14.36 2.74 35.22
C SER D 14 -13.79 1.32 35.33
N PRO D 15 -12.88 1.14 36.27
CA PRO D 15 -12.35 -0.20 36.53
C PRO D 15 -13.48 -1.20 36.73
N GLY D 16 -13.32 -2.39 36.17
CA GLY D 16 -14.31 -3.45 36.27
C GLY D 16 -15.50 -3.24 35.36
N GLU D 17 -15.47 -2.20 34.53
CA GLU D 17 -16.53 -1.91 33.57
C GLU D 17 -16.31 -2.74 32.30
N LYS D 18 -17.41 -3.09 31.61
CA LYS D 18 -17.30 -3.85 30.37
C LYS D 18 -17.11 -2.92 29.18
N VAL D 19 -16.27 -3.30 28.23
CA VAL D 19 -15.95 -2.41 27.11
C VAL D 19 -15.82 -3.13 25.78
N THR D 20 -16.60 -2.71 24.79
CA THR D 20 -16.58 -3.30 23.45
C THR D 20 -16.20 -2.29 22.38
N ILE D 21 -15.37 -2.71 21.43
CA ILE D 21 -14.93 -1.87 20.32
C ILE D 21 -15.19 -2.53 18.97
N THR D 22 -15.33 -1.75 17.90
CA THR D 22 -15.62 -2.26 16.56
C THR D 22 -14.81 -1.62 15.43
N CYS D 23 -13.97 -2.37 14.72
CA CYS D 23 -13.38 -1.97 13.44
C CYS D 23 -14.45 -2.38 12.41
N SER D 24 -15.49 -1.57 12.20
CA SER D 24 -16.57 -1.89 11.28
C SER D 24 -16.26 -1.44 9.84
N ALA D 25 -16.19 -2.40 8.94
CA ALA D 25 -15.61 -2.30 7.61
C ALA D 25 -16.53 -1.78 6.52
N THR D 26 -15.93 -1.11 5.54
CA THR D 26 -16.65 -0.64 4.37
C THR D 26 -16.96 -1.83 3.45
N SER D 27 -16.34 -2.95 3.75
CA SER D 27 -16.49 -4.14 2.94
C SER D 27 -16.28 -5.40 3.78
N GLY D 28 -16.83 -6.52 3.30
CA GLY D 28 -16.63 -7.78 4.01
C GLY D 28 -15.16 -8.12 4.09
N VAL D 29 -14.57 -8.10 5.29
CA VAL D 29 -13.18 -8.54 5.39
C VAL D 29 -13.14 -9.98 5.91
N ASN D 30 -11.98 -10.65 5.88
CA ASN D 30 -11.99 -12.03 6.37
C ASN D 30 -11.57 -12.07 7.84
N TYR D 31 -10.59 -11.24 8.13
CA TYR D 31 -9.90 -11.18 9.41
C TYR D 31 -9.79 -9.75 9.91
N MET D 32 -10.03 -9.56 11.21
CA MET D 32 -9.77 -8.25 11.78
C MET D 32 -8.62 -8.36 12.79
N HIS D 33 -7.76 -7.38 12.79
CA HIS D 33 -6.64 -7.31 13.71
C HIS D 33 -6.81 -6.13 14.66
N TRP D 34 -5.98 -6.03 15.68
CA TRP D 34 -6.08 -4.94 16.64
C TRP D 34 -4.73 -4.59 17.25
N PHE D 35 -4.52 -3.30 17.39
CA PHE D 35 -3.29 -2.79 17.99
C PHE D 35 -3.65 -1.89 19.16
N GLN D 36 -2.75 -1.82 20.12
CA GLN D 36 -2.98 -0.90 21.25
C GLN D 36 -1.78 0.02 21.39
N GLN D 37 -2.06 1.31 21.50
CA GLN D 37 -0.99 2.29 21.59
C GLN D 37 -1.17 3.19 22.81
N LYS D 38 -0.06 3.40 23.48
CA LYS D 38 0.10 4.27 24.63
C LYS D 38 0.99 5.46 24.23
N PRO D 39 0.58 6.64 24.66
CA PRO D 39 1.32 7.87 24.39
C PRO D 39 2.83 7.70 24.48
N GLY D 40 3.48 8.20 23.43
CA GLY D 40 4.88 8.17 23.18
C GLY D 40 5.38 6.85 22.64
N THR D 41 4.55 5.80 22.71
CA THR D 41 5.03 4.48 22.32
C THR D 41 4.50 4.01 20.97
N SER D 42 5.23 3.07 20.36
CA SER D 42 4.82 2.44 19.11
C SER D 42 3.62 1.53 19.38
N PRO D 43 2.78 1.36 18.38
CA PRO D 43 1.61 0.50 18.59
C PRO D 43 2.08 -0.93 18.85
N LYS D 44 1.24 -1.65 19.59
CA LYS D 44 1.56 -3.04 19.87
C LYS D 44 0.48 -3.94 19.29
N LEU D 45 0.91 -5.04 18.68
CA LEU D 45 -0.09 -6.03 18.28
C LEU D 45 -0.86 -6.46 19.53
N TRP D 46 -2.18 -6.45 19.45
CA TRP D 46 -3.04 -6.87 20.55
C TRP D 46 -3.76 -8.17 20.21
N ILE D 47 -4.70 -8.09 19.27
CA ILE D 47 -5.40 -9.28 18.80
C ILE D 47 -5.06 -9.56 17.34
N TYR D 48 -4.90 -10.82 16.97
CA TYR D 48 -4.61 -11.11 15.56
C TYR D 48 -5.50 -12.25 15.04
N SER D 49 -5.76 -12.19 13.74
CA SER D 49 -6.70 -13.11 13.11
C SER D 49 -8.01 -13.20 13.90
N THR D 50 -8.53 -12.01 14.16
CA THR D 50 -9.84 -11.78 14.71
C THR D 50 -9.96 -12.06 16.20
N SER D 51 -9.46 -13.21 16.65
CA SER D 51 -9.72 -13.63 18.03
C SER D 51 -8.51 -14.21 18.75
N ASN D 52 -7.33 -14.15 18.12
CA ASN D 52 -6.15 -14.66 18.82
C ASN D 52 -5.56 -13.57 19.72
N LEU D 53 -5.57 -13.81 21.03
CA LEU D 53 -4.88 -12.87 21.93
C LEU D 53 -3.38 -12.98 21.70
N ALA D 54 -2.72 -11.84 21.66
CA ALA D 54 -1.29 -11.75 21.37
C ALA D 54 -0.46 -11.91 22.64
N SER D 55 0.86 -11.96 22.49
CA SER D 55 1.76 -12.23 23.61
C SER D 55 1.62 -11.25 24.78
N ALA D 56 1.36 -11.79 25.96
CA ALA D 56 1.35 -11.02 27.20
C ALA D 56 0.13 -10.10 27.28
N VAL D 57 -0.92 -10.51 26.60
CA VAL D 57 -2.21 -9.83 26.61
C VAL D 57 -3.15 -10.53 27.61
N PRO D 58 -3.73 -9.73 28.49
CA PRO D 58 -4.65 -10.21 29.51
C PRO D 58 -5.79 -11.04 28.93
N ALA D 59 -6.15 -12.11 29.63
CA ALA D 59 -7.28 -12.95 29.27
C ALA D 59 -8.60 -12.19 29.34
N ARG D 60 -8.62 -11.01 29.97
CA ARG D 60 -9.88 -10.28 30.03
C ARG D 60 -10.27 -9.76 28.65
N PHE D 61 -9.29 -9.76 27.76
CA PHE D 61 -9.39 -9.33 26.38
C PHE D 61 -9.96 -10.43 25.49
N SER D 62 -10.98 -10.09 24.70
CA SER D 62 -11.51 -10.99 23.69
C SER D 62 -11.67 -10.27 22.36
N GLY D 63 -11.54 -11.02 21.27
CA GLY D 63 -11.69 -10.51 19.93
C GLY D 63 -12.70 -11.32 19.13
N SER D 64 -13.51 -10.69 18.29
CA SER D 64 -14.49 -11.43 17.50
C SER D 64 -15.05 -10.62 16.33
N GLY D 65 -15.93 -11.26 15.56
CA GLY D 65 -16.56 -10.60 14.45
C GLY D 65 -16.42 -11.34 13.14
N SER D 66 -16.99 -10.77 12.08
CA SER D 66 -16.98 -11.39 10.75
C SER D 66 -17.58 -10.46 9.71
N GLY D 67 -17.01 -10.47 8.51
CA GLY D 67 -17.48 -9.67 7.39
C GLY D 67 -17.34 -8.18 7.60
N THR D 68 -18.45 -7.51 7.93
CA THR D 68 -18.40 -6.07 8.18
C THR D 68 -18.27 -5.69 9.64
N SER D 69 -18.52 -6.63 10.57
CA SER D 69 -18.51 -6.24 11.97
C SER D 69 -17.70 -7.21 12.84
N TYR D 70 -16.68 -6.61 13.44
CA TYR D 70 -15.72 -7.24 14.34
C TYR D 70 -15.68 -6.48 15.66
N SER D 71 -15.33 -7.14 16.76
CA SER D 71 -15.30 -6.42 18.04
C SER D 71 -14.12 -6.86 18.92
N LEU D 72 -13.74 -5.97 19.81
CA LEU D 72 -12.74 -6.11 20.87
C LEU D 72 -13.41 -5.93 22.23
N THR D 73 -13.42 -6.96 23.06
CA THR D 73 -14.04 -6.81 24.38
C THR D 73 -13.02 -6.78 25.51
N ILE D 74 -13.28 -5.92 26.48
CA ILE D 74 -12.61 -5.82 27.77
C ILE D 74 -13.62 -6.22 28.85
N SER D 75 -13.68 -7.52 29.15
CA SER D 75 -14.62 -8.09 30.12
C SER D 75 -14.73 -7.23 31.38
N ARG D 76 -13.57 -6.93 31.94
CA ARG D 76 -13.46 -6.02 33.08
C ARG D 76 -12.41 -4.94 32.81
N MET D 77 -12.87 -3.71 32.69
CA MET D 77 -11.97 -2.59 32.48
C MET D 77 -10.87 -2.55 33.53
N GLU D 78 -9.66 -2.25 33.08
CA GLU D 78 -8.46 -2.30 33.90
C GLU D 78 -7.56 -1.10 33.65
N ALA D 79 -7.07 -0.51 34.73
CA ALA D 79 -6.24 0.67 34.74
C ALA D 79 -5.19 0.70 33.63
N GLU D 80 -4.54 -0.42 33.38
CA GLU D 80 -3.46 -0.51 32.39
C GLU D 80 -3.99 -0.61 30.97
N ASP D 81 -5.27 -0.92 30.84
CA ASP D 81 -5.95 -1.03 29.56
C ASP D 81 -6.22 0.31 28.91
N ALA D 82 -5.92 1.42 29.57
CA ALA D 82 -6.26 2.71 28.97
C ALA D 82 -5.25 3.13 27.92
N ALA D 83 -5.73 3.32 26.69
CA ALA D 83 -4.85 3.72 25.59
C ALA D 83 -5.63 3.82 24.29
N THR D 84 -4.90 4.00 23.19
CA THR D 84 -5.58 4.10 21.90
C THR D 84 -5.61 2.72 21.25
N TYR D 85 -6.80 2.31 20.85
CA TYR D 85 -6.98 1.02 20.21
C TYR D 85 -7.36 1.17 18.75
N TYR D 86 -6.62 0.45 17.91
CA TYR D 86 -6.91 0.44 16.49
C TYR D 86 -7.26 -0.96 16.05
N CYS D 87 -8.48 -1.18 15.54
CA CYS D 87 -8.77 -2.45 14.88
C CYS D 87 -7.99 -2.52 13.58
N GLN D 88 -8.16 -3.56 12.78
CA GLN D 88 -8.28 -3.68 11.36
C GLN D 88 -7.61 -4.85 10.63
N GLN D 89 -7.90 -4.82 9.35
CA GLN D 89 -7.92 -5.71 8.22
C GLN D 89 -6.69 -5.68 7.31
N ARG D 90 -6.32 -6.84 6.82
CA ARG D 90 -5.27 -7.08 5.85
C ARG D 90 -5.79 -7.96 4.70
N SER D 91 -7.09 -7.90 4.50
CA SER D 91 -7.83 -8.69 3.53
C SER D 91 -7.54 -8.22 2.11
N THR D 92 -7.97 -7.00 1.82
CA THR D 92 -7.87 -6.39 0.52
C THR D 92 -6.92 -5.20 0.50
N TYR D 93 -5.87 -5.27 -0.32
CA TYR D 93 -5.04 -4.09 -0.53
C TYR D 93 -5.94 -2.93 -0.97
N PRO D 94 -5.72 -1.75 -0.43
CA PRO D 94 -4.63 -1.53 0.53
C PRO D 94 -5.07 -1.90 1.94
N PHE D 95 -4.11 -2.37 2.76
CA PHE D 95 -4.46 -2.66 4.14
C PHE D 95 -4.95 -1.37 4.79
N THR D 96 -5.98 -1.40 5.62
CA THR D 96 -6.41 -0.14 6.24
C THR D 96 -6.59 -0.26 7.74
N PHE D 97 -6.38 0.83 8.46
CA PHE D 97 -6.53 0.89 9.90
C PHE D 97 -7.84 1.55 10.35
N GLY D 98 -8.47 0.95 11.36
CA GLY D 98 -9.70 1.43 11.94
C GLY D 98 -9.65 2.88 12.39
N GLY D 99 -10.79 3.47 12.71
CA GLY D 99 -10.88 4.88 13.07
C GLY D 99 -10.12 5.22 14.34
N GLY D 100 -9.90 4.24 15.20
CA GLY D 100 -9.20 4.41 16.47
C GLY D 100 -10.14 4.78 17.60
N THR D 101 -9.89 4.22 18.78
CA THR D 101 -10.69 4.50 19.97
C THR D 101 -9.80 4.80 21.17
N LYS D 102 -10.13 5.85 21.92
CA LYS D 102 -9.29 6.26 23.05
C LYS D 102 -10.01 6.07 24.38
N LEU D 103 -9.71 4.96 25.02
CA LEU D 103 -10.20 4.52 26.31
C LEU D 103 -9.47 5.17 27.47
N GLU D 104 -10.17 5.93 28.30
CA GLU D 104 -9.56 6.52 29.48
C GLU D 104 -10.09 5.85 30.75
N LEU D 105 -9.26 5.72 31.78
CA LEU D 105 -9.72 5.06 33.00
C LEU D 105 -10.15 6.05 34.08
N LYS D 106 -11.18 5.66 34.82
CA LYS D 106 -11.76 6.45 35.89
C LYS D 106 -11.02 6.23 37.21
N ARG D 107 -10.59 7.29 37.90
CA ARG D 107 -10.03 7.09 39.23
C ARG D 107 -10.60 8.07 40.25
N ALA D 108 -10.01 8.08 41.45
CA ALA D 108 -10.43 8.98 42.52
C ALA D 108 -10.01 10.41 42.21
N ASP D 109 -10.93 11.36 42.44
CA ASP D 109 -10.72 12.76 42.08
C ASP D 109 -9.38 13.26 42.59
N ALA D 110 -8.76 14.15 41.82
CA ALA D 110 -7.40 14.55 42.20
C ALA D 110 -7.16 16.05 42.14
N ALA D 111 -6.68 16.55 43.27
CA ALA D 111 -6.30 17.95 43.37
C ALA D 111 -5.01 18.19 42.59
N PRO D 112 -5.00 19.25 41.78
CA PRO D 112 -3.79 19.62 41.06
C PRO D 112 -2.71 20.12 42.01
N THR D 113 -1.46 19.84 41.65
CA THR D 113 -0.29 20.35 42.34
C THR D 113 0.23 21.59 41.60
N VAL D 114 -0.20 22.75 42.07
CA VAL D 114 0.15 24.01 41.46
C VAL D 114 1.47 24.57 42.00
N SER D 115 2.31 25.02 41.08
CA SER D 115 3.53 25.74 41.34
C SER D 115 3.79 26.72 40.20
N ILE D 116 4.35 27.88 40.52
CA ILE D 116 4.53 28.94 39.55
C ILE D 116 5.97 29.42 39.53
N PHE D 117 6.48 29.73 38.34
CA PHE D 117 7.89 30.11 38.20
C PHE D 117 8.05 31.36 37.36
N PRO D 118 8.84 32.30 37.86
CA PRO D 118 9.05 33.57 37.17
C PRO D 118 10.07 33.41 36.04
N PRO D 119 10.06 34.36 35.11
CA PRO D 119 11.00 34.36 33.98
C PRO D 119 12.42 34.14 34.48
N SER D 120 13.08 33.12 33.96
CA SER D 120 14.38 32.69 34.44
C SER D 120 15.38 33.83 34.54
N SER D 121 16.54 33.55 35.10
CA SER D 121 17.61 34.55 35.22
C SER D 121 18.42 34.54 33.93
N GLU D 122 18.83 33.34 33.51
CA GLU D 122 19.50 33.24 32.22
C GLU D 122 18.60 33.82 31.13
N GLN D 123 17.30 33.54 31.22
CA GLN D 123 16.38 34.07 30.21
C GLN D 123 16.22 35.58 30.35
N LEU D 124 15.80 36.01 31.54
CA LEU D 124 15.54 37.41 31.83
C LEU D 124 16.64 38.32 31.30
N THR D 125 17.89 37.89 31.49
CA THR D 125 19.05 38.66 31.06
C THR D 125 19.45 38.31 29.63
N SER D 126 18.77 37.32 29.07
CA SER D 126 18.99 36.92 27.68
C SER D 126 18.29 37.88 26.73
N GLY D 127 17.33 38.60 27.26
CA GLY D 127 16.46 39.48 26.51
C GLY D 127 15.05 38.94 26.48
N GLY D 128 14.88 37.72 26.98
CA GLY D 128 13.58 37.06 27.01
C GLY D 128 12.92 37.08 28.38
N ALA D 129 11.73 36.48 28.48
CA ALA D 129 10.99 36.45 29.74
C ALA D 129 9.66 35.72 29.60
N SER D 130 9.47 34.70 30.42
CA SER D 130 8.23 33.93 30.46
C SER D 130 7.96 33.40 31.85
N VAL D 131 6.69 33.23 32.19
CA VAL D 131 6.29 32.62 33.45
C VAL D 131 5.68 31.24 33.22
N VAL D 132 6.36 30.20 33.69
CA VAL D 132 5.85 28.84 33.50
C VAL D 132 4.90 28.46 34.61
N CYS D 133 4.13 27.40 34.43
CA CYS D 133 3.11 27.07 35.43
C CYS D 133 2.50 25.70 35.21
N PHE D 134 3.04 24.72 35.92
CA PHE D 134 2.56 23.35 35.89
C PHE D 134 1.38 23.17 36.84
N LEU D 135 0.48 22.26 36.50
CA LEU D 135 -0.75 21.95 37.22
C LEU D 135 -0.89 20.44 37.35
N ASN D 136 0.12 19.80 37.92
CA ASN D 136 0.35 18.38 37.95
C ASN D 136 -0.62 17.61 38.86
N ASN D 137 -0.79 16.36 38.50
CA ASN D 137 -1.52 15.26 39.08
C ASN D 137 -2.92 15.62 39.54
N PHE D 138 -3.86 15.77 38.61
CA PHE D 138 -5.26 16.00 38.91
C PHE D 138 -6.15 15.06 38.08
N TYR D 139 -7.40 14.99 38.51
CA TYR D 139 -8.47 14.21 37.89
C TYR D 139 -9.81 14.72 38.38
N PRO D 140 -10.80 14.89 37.51
CA PRO D 140 -10.70 14.55 36.09
C PRO D 140 -10.13 15.68 35.23
N LYS D 141 -10.22 15.48 33.92
CA LYS D 141 -9.70 16.36 32.90
C LYS D 141 -10.14 17.81 33.09
N ASP D 142 -11.45 18.01 33.19
CA ASP D 142 -12.12 19.29 33.34
C ASP D 142 -11.39 20.23 34.31
N ILE D 143 -10.63 21.15 33.72
CA ILE D 143 -9.87 22.15 34.44
C ILE D 143 -9.72 23.43 33.66
N ASN D 144 -9.95 24.57 34.32
CA ASN D 144 -9.70 25.86 33.71
C ASN D 144 -8.48 26.52 34.37
N VAL D 145 -7.70 27.22 33.53
CA VAL D 145 -6.60 28.03 34.01
C VAL D 145 -6.81 29.47 33.55
N LYS D 146 -6.23 30.43 34.27
CA LYS D 146 -6.42 31.84 33.98
C LYS D 146 -5.38 32.68 34.69
N TRP D 147 -4.46 33.24 33.91
CA TRP D 147 -3.45 34.12 34.49
C TRP D 147 -4.06 35.45 34.92
N LYS D 148 -3.21 36.24 35.57
CA LYS D 148 -3.58 37.56 36.05
C LYS D 148 -2.31 38.37 36.27
N ILE D 149 -2.41 39.68 36.09
CA ILE D 149 -1.28 40.55 36.32
C ILE D 149 -1.75 41.79 37.06
N ASP D 150 -1.40 41.88 38.35
CA ASP D 150 -1.81 43.08 39.08
C ASP D 150 -3.33 43.20 39.14
N GLY D 151 -4.02 42.06 39.01
CA GLY D 151 -5.46 42.01 38.99
C GLY D 151 -6.04 41.87 37.59
N SER D 152 -5.33 42.34 36.57
CA SER D 152 -5.83 42.27 35.20
C SER D 152 -5.63 40.87 34.63
N GLU D 153 -6.66 40.36 33.95
CA GLU D 153 -6.59 39.05 33.31
C GLU D 153 -5.55 39.07 32.20
N ARG D 154 -5.61 38.09 31.29
CA ARG D 154 -4.68 38.05 30.17
C ARG D 154 -4.90 36.81 29.31
N GLN D 155 -5.49 37.05 28.14
CA GLN D 155 -5.82 36.02 27.17
C GLN D 155 -4.63 35.65 26.31
N ASN D 156 -4.09 36.63 25.60
CA ASN D 156 -2.95 36.41 24.70
C ASN D 156 -1.72 35.93 25.46
N GLY D 157 -0.69 35.60 24.69
CA GLY D 157 0.60 35.13 25.12
C GLY D 157 0.53 33.95 26.06
N VAL D 158 -0.53 33.16 25.95
CA VAL D 158 -0.71 32.02 26.87
C VAL D 158 -0.66 30.69 26.15
N LEU D 159 0.45 29.97 26.29
CA LEU D 159 0.58 28.69 25.60
C LEU D 159 0.39 27.53 26.57
N ASN D 160 -0.68 26.76 26.39
CA ASN D 160 -0.96 25.64 27.30
C ASN D 160 -0.55 24.29 26.73
N SER D 161 -0.61 23.26 27.58
CA SER D 161 -0.10 21.94 27.21
C SER D 161 -0.59 20.85 28.15
N TRP D 162 -1.55 20.07 27.68
CA TRP D 162 -2.12 18.99 28.45
C TRP D 162 -1.53 17.65 28.05
N THR D 163 -1.62 16.70 28.97
CA THR D 163 -1.15 15.33 28.77
C THR D 163 -2.29 14.36 28.99
N ASP D 164 -2.05 13.06 28.86
CA ASP D 164 -3.13 12.14 29.26
C ASP D 164 -2.67 11.37 30.50
N GLN D 165 -3.58 10.57 31.02
CA GLN D 165 -3.49 9.80 32.24
C GLN D 165 -2.09 9.29 32.51
N ASP D 166 -1.47 9.76 33.60
CA ASP D 166 -0.08 9.29 33.84
C ASP D 166 -0.10 7.78 34.06
N SER D 167 1.00 7.12 33.70
CA SER D 167 1.03 5.67 33.75
C SER D 167 0.85 5.13 35.18
N LYS D 168 1.39 5.89 36.13
CA LYS D 168 1.51 5.45 37.51
C LYS D 168 0.33 5.85 38.38
N ASP D 169 -0.35 6.97 38.11
CA ASP D 169 -1.44 7.32 39.04
C ASP D 169 -2.70 7.72 38.31
N SER D 170 -2.68 7.61 36.98
CA SER D 170 -3.87 7.88 36.19
C SER D 170 -4.34 9.32 36.34
N THR D 171 -3.40 10.26 36.39
CA THR D 171 -3.82 11.65 36.49
C THR D 171 -3.39 12.46 35.26
N TYR D 172 -3.95 13.66 35.25
CA TYR D 172 -3.70 14.64 34.21
C TYR D 172 -2.91 15.83 34.71
N SER D 173 -2.21 16.46 33.78
CA SER D 173 -1.50 17.69 34.07
C SER D 173 -1.63 18.63 32.87
N MET D 174 -1.50 19.91 33.16
CA MET D 174 -1.56 20.96 32.14
C MET D 174 -0.36 21.87 32.34
N SER D 175 0.09 22.53 31.28
CA SER D 175 1.27 23.37 31.43
C SER D 175 1.09 24.76 30.84
N SER D 176 0.34 25.62 31.54
CA SER D 176 0.19 26.97 31.00
C SER D 176 1.48 27.77 31.23
N THR D 177 1.95 28.34 30.13
CA THR D 177 3.13 29.18 30.12
C THR D 177 2.76 30.53 29.50
N LEU D 178 2.98 31.58 30.27
CA LEU D 178 2.66 32.94 29.82
C LEU D 178 3.90 33.60 29.24
N THR D 179 3.86 33.88 27.94
CA THR D 179 4.99 34.60 27.34
C THR D 179 4.67 36.08 27.25
N LEU D 180 5.71 36.89 27.37
CA LEU D 180 5.58 38.35 27.29
C LEU D 180 6.94 38.98 27.08
N THR D 181 6.95 40.14 26.42
CA THR D 181 8.21 40.84 26.19
C THR D 181 8.89 41.14 27.53
N LYS D 182 10.20 41.28 27.50
CA LYS D 182 10.95 41.65 28.70
C LYS D 182 10.30 42.88 29.34
N ASP D 183 10.15 43.92 28.52
CA ASP D 183 9.58 45.18 28.98
C ASP D 183 8.23 44.99 29.64
N GLU D 184 7.34 44.17 29.05
CA GLU D 184 6.03 44.00 29.66
C GLU D 184 6.15 43.44 31.08
N TYR D 185 6.98 42.41 31.21
CA TYR D 185 7.18 41.75 32.49
C TYR D 185 7.49 42.76 33.60
N GLU D 186 8.63 43.41 33.43
CA GLU D 186 9.17 44.40 34.34
C GLU D 186 8.31 45.65 34.42
N ARG D 187 7.24 45.75 33.63
CA ARG D 187 6.40 46.94 33.71
C ARG D 187 5.16 46.64 34.56
N HIS D 188 5.15 45.45 35.12
CA HIS D 188 4.09 45.01 36.02
C HIS D 188 4.71 44.34 37.24
N ASN D 189 3.92 43.88 38.20
CA ASN D 189 4.53 43.30 39.40
C ASN D 189 3.94 41.96 39.81
N SER D 190 2.63 41.89 39.88
CA SER D 190 1.94 40.68 40.36
C SER D 190 1.65 39.69 39.25
N TYR D 191 2.10 38.45 39.43
CA TYR D 191 1.75 37.41 38.48
C TYR D 191 1.22 36.17 39.20
N THR D 192 -0.03 35.85 38.95
CA THR D 192 -0.75 34.76 39.58
C THR D 192 -1.33 33.78 38.54
N CYS D 193 -1.15 32.48 38.78
CA CYS D 193 -1.75 31.43 37.96
C CYS D 193 -3.00 30.90 38.64
N GLU D 194 -4.15 31.00 37.99
CA GLU D 194 -5.45 30.64 38.55
C GLU D 194 -6.06 29.44 37.85
N ALA D 195 -6.46 28.43 38.62
CA ALA D 195 -7.03 27.24 37.97
C ALA D 195 -8.34 26.82 38.64
N THR D 196 -9.30 26.42 37.81
CA THR D 196 -10.58 25.94 38.30
C THR D 196 -10.78 24.46 37.96
N HIS D 197 -10.85 23.65 39.01
CA HIS D 197 -11.01 22.22 38.93
C HIS D 197 -12.19 21.74 39.76
N LYS D 198 -12.54 20.46 39.64
CA LYS D 198 -13.72 19.93 40.32
C LYS D 198 -13.42 19.59 41.77
N THR D 199 -12.14 19.64 42.15
CA THR D 199 -11.70 19.30 43.49
C THR D 199 -11.83 20.47 44.47
N SER D 200 -11.94 21.69 43.95
CA SER D 200 -11.95 22.89 44.78
C SER D 200 -13.00 23.91 44.33
N THR D 201 -13.86 24.32 45.26
CA THR D 201 -14.96 25.24 45.03
C THR D 201 -14.51 26.56 44.43
N SER D 202 -13.29 26.95 44.75
CA SER D 202 -12.66 28.19 44.31
C SER D 202 -11.57 27.94 43.28
N PRO D 203 -11.14 28.96 42.57
CA PRO D 203 -10.04 28.83 41.62
C PRO D 203 -8.67 28.80 42.29
N ILE D 204 -8.19 27.60 42.56
CA ILE D 204 -6.86 27.38 43.13
C ILE D 204 -5.82 28.23 42.42
N VAL D 205 -5.03 28.99 43.16
CA VAL D 205 -4.03 29.83 42.51
C VAL D 205 -2.66 29.72 43.19
N LYS D 206 -1.73 30.53 42.70
CA LYS D 206 -0.37 30.71 43.18
C LYS D 206 0.15 32.07 42.73
N SER D 207 0.94 32.79 43.51
CA SER D 207 1.45 34.07 43.03
C SER D 207 2.72 34.52 43.76
N PHE D 208 3.53 35.28 43.04
CA PHE D 208 4.79 35.78 43.56
C PHE D 208 4.88 37.30 43.46
N ASN D 209 6.05 37.88 43.71
CA ASN D 209 6.14 39.32 43.60
C ASN D 209 7.42 39.76 42.90
N ARG D 210 7.27 40.26 41.67
CA ARG D 210 8.44 40.79 40.97
C ARG D 210 8.95 42.00 41.74
N ASN D 211 10.26 42.16 41.85
CA ASN D 211 10.79 43.33 42.53
C ASN D 211 12.19 43.68 42.02
N GLU D 212 12.55 44.86 42.06
I IOD E . 11.75 7.26 -7.57
N1 PP3 F . -5.76 14.62 -30.27
C2 PP3 F . -4.54 14.34 -29.65
C2A PP3 F . -4.78 13.38 -28.50
C3 PP3 F . -3.34 15.01 -30.17
O3 PP3 F . -2.23 14.60 -29.47
C4 PP3 F . -3.38 15.92 -31.27
C4A PP3 F . -2.14 16.63 -31.84
C5 PP3 F . -4.72 16.11 -31.79
C6 PP3 F . -5.88 15.50 -31.32
C5A PP3 F . -5.05 17.03 -32.97
O4P PP3 F . -6.37 17.39 -33.10
P PP3 F . -6.94 18.14 -34.40
O1P PP3 F . -6.51 17.51 -35.62
O2P PP3 F . -6.59 19.59 -34.12
O3P PP3 F . -8.44 17.92 -34.36
N PP3 F . -1.01 16.20 -30.95
CA PP3 F . 0.07 17.23 -30.85
C PP3 F . 1.39 16.44 -30.80
O PP3 F . 1.09 15.12 -30.71
CB PP3 F . -0.07 18.19 -29.69
OXT PP3 F . 2.60 16.95 -30.85
I IOD G . -9.39 18.15 -21.89
I IOD H . 5.88 -16.68 9.19
I IOD I . 0.83 -11.69 -0.21
I IOD J . -7.52 -11.51 33.60
#